data_3DEH
#
_entry.id   3DEH
#
_cell.length_a   65.059
_cell.length_b   96.850
_cell.length_c   180.371
_cell.angle_alpha   90.000
_cell.angle_beta   90.000
_cell.angle_gamma   90.000
#
_symmetry.space_group_name_H-M   'P 21 21 21'
#
loop_
_entity.id
_entity.type
_entity.pdbx_description
1 polymer Caspase-3
2 non-polymer isoquinoline-1,3,4(2H)-trione
3 water water
#
_entity_poly.entity_id   1
_entity_poly.type   'polypeptide(L)'
_entity_poly.pdbx_seq_one_letter_code
;SGISLDNSYKMDYPEMGLCIIINNKNFHKSTGMTSRSGTDVDAANLRETFRNLKYEVRNKNDLTREEIVELMRDVSKEDH
SKRSSFVCVLLSHGEEGIIFGTNGPVDLKKITNFFRGDRCRSLTGKPKLFIIQA(OCS)RGTELDCGIETDSGVDDDMAC
HKIPVDADFLYAYSTAPGYYSWRNSKDGSWFIQSLCAMLKQYADKLEFMHILTRVNRKVATEFESFSFDATFHAKKQIPC
IVSMLTKELYFYH
;
_entity_poly.pdbx_strand_id   A,B,C,D
#
# COMPACT_ATOMS: atom_id res chain seq x y z
N ASP A 6 41.46 0.21 -21.64
CA ASP A 6 41.46 -0.95 -20.70
C ASP A 6 40.06 -1.34 -20.25
N ASN A 7 39.94 -2.52 -19.65
CA ASN A 7 38.65 -3.12 -19.34
C ASN A 7 38.23 -2.96 -17.90
N SER A 8 39.19 -2.63 -17.06
CA SER A 8 39.04 -2.71 -15.62
C SER A 8 39.28 -1.36 -14.96
N TYR A 9 38.42 -0.98 -14.00
CA TYR A 9 38.63 0.28 -13.29
C TYR A 9 39.98 0.25 -12.58
N LYS A 10 40.65 1.38 -12.55
CA LYS A 10 41.94 1.52 -11.88
C LYS A 10 41.67 1.61 -10.37
N MET A 11 42.01 0.56 -9.63
CA MET A 11 41.79 0.57 -8.18
C MET A 11 43.11 0.68 -7.38
N ASP A 12 44.13 1.28 -7.98
CA ASP A 12 45.43 1.38 -7.31
C ASP A 12 45.82 2.83 -6.97
N TYR A 13 44.84 3.72 -6.84
CA TYR A 13 45.12 5.07 -6.34
C TYR A 13 45.65 4.97 -4.90
N PRO A 14 46.16 6.07 -4.33
CA PRO A 14 46.62 6.03 -2.94
C PRO A 14 45.55 5.50 -1.98
N GLU A 15 44.27 5.77 -2.23
CA GLU A 15 43.17 5.25 -1.41
C GLU A 15 41.97 4.69 -2.19
N MET A 16 41.31 3.68 -1.60
CA MET A 16 40.08 3.10 -2.13
C MET A 16 39.01 4.18 -2.22
N GLY A 17 38.86 4.93 -1.13
CA GLY A 17 37.89 6.00 -1.08
C GLY A 17 36.98 5.91 0.12
N LEU A 18 36.14 6.92 0.24
CA LEU A 18 35.16 6.98 1.32
C LEU A 18 34.01 6.01 1.09
N CYS A 19 33.41 5.61 2.21
CA CYS A 19 32.26 4.77 2.21
C CYS A 19 31.30 5.35 3.22
N ILE A 20 30.47 6.28 2.79
CA ILE A 20 29.50 6.86 3.70
C ILE A 20 28.34 5.88 3.92
N ILE A 21 28.02 5.65 5.20
CA ILE A 21 26.90 4.79 5.56
C ILE A 21 25.91 5.63 6.36
N ILE A 22 24.79 6.02 5.74
CA ILE A 22 23.66 6.67 6.42
C ILE A 22 22.68 5.60 6.93
N ASN A 23 22.52 5.55 8.25
CA ASN A 23 21.68 4.55 8.89
C ASN A 23 20.62 5.16 9.81
N ASN A 24 19.37 5.18 9.35
CA ASN A 24 18.29 5.79 10.12
C ASN A 24 17.40 4.79 10.86
N LYS A 25 17.44 4.87 12.20
CA LYS A 25 16.70 3.96 13.08
C LYS A 25 15.40 4.58 13.62
N ASN A 26 15.48 5.84 14.02
CA ASN A 26 14.38 6.50 14.70
C ASN A 26 13.86 7.60 13.82
N PHE A 27 12.54 7.67 13.69
CA PHE A 27 11.89 8.67 12.85
C PHE A 27 10.97 9.57 13.66
N HIS A 28 10.92 10.85 13.29
CA HIS A 28 10.16 11.84 14.06
C HIS A 28 8.68 11.50 14.10
N LYS A 29 8.01 11.89 15.19
CA LYS A 29 6.57 11.61 15.37
C LYS A 29 5.70 12.11 14.21
N SER A 30 6.05 13.27 13.68
CA SER A 30 5.35 13.86 12.55
C SER A 30 5.36 12.98 11.29
N THR A 31 6.19 11.92 11.30
CA THR A 31 6.28 11.03 10.13
C THR A 31 5.27 9.88 10.15
N GLY A 32 4.96 9.39 11.36
CA GLY A 32 4.09 8.22 11.51
C GLY A 32 4.81 6.94 11.14
N MET A 33 6.13 7.02 11.05
CA MET A 33 6.98 5.89 10.68
C MET A 33 7.49 5.16 11.91
N THR A 34 7.52 3.84 11.82
CA THR A 34 7.99 3.02 12.93
C THR A 34 9.49 3.01 12.89
N SER A 35 10.09 2.65 14.01
CA SER A 35 11.53 2.58 14.08
C SER A 35 12.02 1.27 13.45
N ARG A 36 13.20 1.36 12.83
CA ARG A 36 13.73 0.27 12.06
C ARG A 36 14.59 -0.65 12.92
N SER A 37 13.93 -1.43 13.79
CA SER A 37 14.61 -2.28 14.78
C SER A 37 15.73 -3.13 14.18
N GLY A 38 16.88 -3.12 14.85
CA GLY A 38 18.01 -3.95 14.46
C GLY A 38 18.77 -3.52 13.22
N THR A 39 18.52 -2.31 12.73
CA THR A 39 19.24 -1.83 11.55
C THR A 39 20.73 -1.68 11.84
N ASP A 40 21.06 -1.42 13.09
CA ASP A 40 22.44 -1.21 13.49
C ASP A 40 23.29 -2.43 13.14
N VAL A 41 22.68 -3.60 13.23
CA VAL A 41 23.36 -4.84 12.81
C VAL A 41 23.91 -4.67 11.40
N ASP A 42 23.07 -4.19 10.49
CA ASP A 42 23.47 -3.96 9.12
C ASP A 42 24.61 -2.95 9.10
N ALA A 43 24.43 -1.83 9.81
CA ALA A 43 25.43 -0.74 9.80
C ALA A 43 26.83 -1.21 10.18
N ALA A 44 26.92 -1.96 11.29
CA ALA A 44 28.17 -2.55 11.75
C ALA A 44 28.72 -3.54 10.72
N ASN A 45 27.87 -4.44 10.24
CA ASN A 45 28.30 -5.43 9.28
C ASN A 45 28.92 -4.76 8.04
N LEU A 46 28.26 -3.69 7.59
CA LEU A 46 28.75 -2.92 6.47
C LEU A 46 30.03 -2.20 6.83
N ARG A 47 30.13 -1.73 8.07
CA ARG A 47 31.31 -1.00 8.51
C ARG A 47 32.59 -1.85 8.42
N GLU A 48 32.54 -3.05 8.98
CA GLU A 48 33.70 -3.92 9.00
C GLU A 48 34.03 -4.42 7.62
N THR A 49 33.01 -4.76 6.85
CA THR A 49 33.21 -5.28 5.52
C THR A 49 33.97 -4.27 4.67
N PHE A 50 33.49 -3.03 4.66
CA PHE A 50 34.10 -2.01 3.84
C PHE A 50 35.42 -1.50 4.43
N ARG A 51 35.57 -1.59 5.75
CA ARG A 51 36.86 -1.32 6.39
C ARG A 51 37.89 -2.33 5.87
N ASN A 52 37.50 -3.61 5.88
CA ASN A 52 38.37 -4.66 5.35
C ASN A 52 38.66 -4.50 3.86
N LEU A 53 37.80 -3.80 3.14
CA LEU A 53 38.08 -3.50 1.75
C LEU A 53 39.00 -2.30 1.60
N LYS A 54 39.42 -1.75 2.74
CA LYS A 54 40.36 -0.62 2.82
C LYS A 54 39.71 0.74 2.54
N TYR A 55 38.40 0.83 2.70
CA TYR A 55 37.70 2.10 2.55
C TYR A 55 37.81 2.93 3.83
N GLU A 56 37.78 4.26 3.69
CA GLU A 56 37.69 5.13 4.85
C GLU A 56 36.21 5.24 5.19
N VAL A 57 35.80 4.51 6.22
CA VAL A 57 34.38 4.37 6.57
C VAL A 57 33.88 5.54 7.43
N ARG A 58 32.80 6.18 7.00
CA ARG A 58 32.13 7.20 7.81
C ARG A 58 30.68 6.81 8.03
N ASN A 59 30.30 6.66 9.29
CA ASN A 59 28.95 6.25 9.67
C ASN A 59 28.14 7.42 10.14
N LYS A 60 26.91 7.52 9.65
CA LYS A 60 26.01 8.57 10.10
C LYS A 60 24.73 7.92 10.61
N ASN A 61 24.18 8.47 11.69
CA ASN A 61 22.97 7.90 12.28
C ASN A 61 21.88 8.92 12.44
N ASP A 62 20.66 8.51 12.13
CA ASP A 62 19.48 9.32 12.36
C ASP A 62 19.62 10.73 11.79
N LEU A 63 19.94 10.84 10.51
CA LEU A 63 19.99 12.12 9.83
C LEU A 63 18.59 12.53 9.31
N THR A 64 18.30 13.83 9.32
CA THR A 64 17.06 14.33 8.71
C THR A 64 17.23 14.32 7.21
N ARG A 65 16.16 14.65 6.49
CA ARG A 65 16.24 14.80 5.05
C ARG A 65 17.22 15.90 4.61
N GLU A 66 17.31 16.97 5.41
CA GLU A 66 18.19 18.10 5.16
C GLU A 66 19.64 17.78 5.52
N GLU A 67 19.83 16.99 6.57
CA GLU A 67 21.17 16.55 6.95
C GLU A 67 21.76 15.62 5.90
N ILE A 68 20.91 14.75 5.34
CA ILE A 68 21.34 13.82 4.30
C ILE A 68 21.80 14.58 3.07
N VAL A 69 20.95 15.49 2.58
CA VAL A 69 21.27 16.29 1.41
C VAL A 69 22.56 17.09 1.66
N GLU A 70 22.65 17.69 2.84
CA GLU A 70 23.83 18.44 3.26
C GLU A 70 25.11 17.58 3.35
N LEU A 71 25.01 16.38 3.91
CA LEU A 71 26.20 15.54 4.02
C LEU A 71 26.71 15.13 2.65
N MET A 72 25.80 14.75 1.77
CA MET A 72 26.18 14.36 0.42
C MET A 72 26.78 15.54 -0.36
N ARG A 73 26.19 16.71 -0.17
CA ARG A 73 26.67 17.93 -0.82
C ARG A 73 28.11 18.21 -0.42
N ASP A 74 28.43 18.04 0.87
CA ASP A 74 29.77 18.29 1.38
C ASP A 74 30.75 17.23 0.88
N VAL A 75 30.33 15.97 0.92
CA VAL A 75 31.15 14.86 0.39
C VAL A 75 31.51 15.07 -1.09
N SER A 76 30.56 15.50 -1.90
CA SER A 76 30.83 15.72 -3.31
C SER A 76 31.75 16.91 -3.58
N LYS A 77 31.97 17.73 -2.56
CA LYS A 77 32.84 18.90 -2.68
C LYS A 77 34.28 18.65 -2.19
N GLU A 78 34.49 17.53 -1.51
CA GLU A 78 35.85 17.12 -1.12
C GLU A 78 36.68 16.84 -2.34
N ASP A 79 37.99 16.70 -2.14
CA ASP A 79 38.88 16.34 -3.21
C ASP A 79 39.09 14.82 -3.18
N HIS A 80 38.52 14.13 -4.18
CA HIS A 80 38.63 12.66 -4.33
C HIS A 80 39.74 12.24 -5.30
N SER A 81 40.67 13.14 -5.60
CA SER A 81 41.74 12.89 -6.58
C SER A 81 42.60 11.66 -6.33
N LYS A 82 42.88 11.38 -5.07
CA LYS A 82 43.73 10.24 -4.69
C LYS A 82 42.90 9.03 -4.25
N ARG A 83 41.61 9.08 -4.54
CA ARG A 83 40.71 7.94 -4.27
C ARG A 83 40.29 7.26 -5.56
N SER A 84 40.22 5.91 -5.54
CA SER A 84 39.80 5.11 -6.70
C SER A 84 38.29 5.09 -6.96
N SER A 85 37.49 5.08 -5.90
CA SER A 85 36.04 4.93 -6.01
C SER A 85 35.27 5.74 -4.98
N PHE A 86 33.95 5.68 -5.06
CA PHE A 86 33.11 6.23 -4.00
C PHE A 86 32.03 5.23 -3.63
N VAL A 87 31.75 5.06 -2.35
CA VAL A 87 30.64 4.20 -1.92
C VAL A 87 29.73 4.92 -0.93
N CYS A 88 28.43 4.92 -1.22
CA CYS A 88 27.41 5.40 -0.29
C CYS A 88 26.40 4.30 0.02
N VAL A 89 26.07 4.12 1.29
CA VAL A 89 25.16 3.05 1.69
C VAL A 89 24.00 3.62 2.48
N LEU A 90 22.78 3.43 1.98
CA LEU A 90 21.59 3.97 2.60
C LEU A 90 20.76 2.86 3.28
N LEU A 91 20.41 3.06 4.54
CA LEU A 91 19.63 2.08 5.30
C LEU A 91 18.47 2.81 5.95
N SER A 92 17.32 2.76 5.31
CA SER A 92 16.17 3.50 5.83
C SER A 92 14.88 2.99 5.23
N HIS A 93 13.76 3.64 5.57
CA HIS A 93 12.49 3.37 4.90
C HIS A 93 12.63 3.99 3.51
N GLY A 94 11.80 3.57 2.57
CA GLY A 94 11.81 4.16 1.25
C GLY A 94 10.57 3.90 0.41
N GLU A 95 10.56 4.51 -0.76
CA GLU A 95 9.55 4.30 -1.79
C GLU A 95 10.30 4.32 -3.11
N GLU A 96 9.59 3.98 -4.18
CA GLU A 96 10.20 4.03 -5.49
C GLU A 96 10.93 5.36 -5.67
N GLY A 97 12.24 5.26 -5.91
CA GLY A 97 13.07 6.41 -6.18
C GLY A 97 13.31 7.34 -5.01
N ILE A 98 12.86 6.96 -3.80
CA ILE A 98 13.07 7.82 -2.64
C ILE A 98 13.53 7.08 -1.35
N ILE A 99 14.35 7.74 -0.54
CA ILE A 99 14.66 7.21 0.79
C ILE A 99 14.22 8.21 1.85
N PHE A 100 14.06 7.71 3.08
CA PHE A 100 13.63 8.58 4.18
C PHE A 100 14.74 9.07 5.09
N GLY A 101 14.82 10.39 5.20
CA GLY A 101 15.44 11.03 6.35
C GLY A 101 14.49 10.81 7.53
N THR A 102 14.97 11.03 8.75
CA THR A 102 14.15 10.82 9.95
C THR A 102 12.88 11.68 9.97
N ASN A 103 12.90 12.80 9.25
CA ASN A 103 11.78 13.73 9.25
C ASN A 103 11.05 13.81 7.93
N GLY A 104 11.36 12.92 7.00
CA GLY A 104 10.66 12.93 5.72
C GLY A 104 11.46 12.51 4.50
N PRO A 105 10.77 12.38 3.37
CA PRO A 105 11.34 11.84 2.14
C PRO A 105 12.45 12.66 1.46
N VAL A 106 13.34 11.97 0.76
CA VAL A 106 14.32 12.58 -0.14
C VAL A 106 14.34 11.83 -1.48
N ASP A 107 14.38 12.58 -2.60
CA ASP A 107 14.56 11.97 -3.91
C ASP A 107 15.99 11.46 -3.99
N LEU A 108 16.14 10.18 -4.36
CA LEU A 108 17.45 9.57 -4.54
C LEU A 108 18.25 10.30 -5.61
N LYS A 109 17.55 10.74 -6.65
CA LYS A 109 18.18 11.41 -7.77
C LYS A 109 18.87 12.68 -7.27
N LYS A 110 18.35 13.25 -6.18
CA LYS A 110 18.94 14.46 -5.59
C LYS A 110 20.27 14.16 -4.93
N ILE A 111 20.31 13.10 -4.12
CA ILE A 111 21.55 12.71 -3.48
C ILE A 111 22.61 12.21 -4.48
N THR A 112 22.19 11.61 -5.59
CA THR A 112 23.18 11.10 -6.56
C THR A 112 23.66 12.15 -7.57
N ASN A 113 22.77 13.07 -7.96
CA ASN A 113 23.16 14.19 -8.82
C ASN A 113 24.40 14.94 -8.32
N PHE A 114 24.57 15.06 -7.00
CA PHE A 114 25.78 15.67 -6.42
C PHE A 114 27.08 15.10 -6.98
N PHE A 115 27.07 13.80 -7.26
CA PHE A 115 28.26 13.09 -7.74
C PHE A 115 28.25 12.87 -9.25
N ARG A 116 27.31 13.48 -9.96
CA ARG A 116 27.33 13.38 -11.42
C ARG A 116 28.72 13.79 -11.93
N GLY A 117 29.17 13.12 -12.98
CA GLY A 117 30.51 13.34 -13.53
C GLY A 117 30.94 14.78 -13.69
N ASP A 118 29.97 15.69 -13.79
CA ASP A 118 30.23 17.11 -14.02
C ASP A 118 30.13 18.00 -12.78
N ARG A 119 29.64 17.43 -11.68
CA ARG A 119 29.44 18.20 -10.44
C ARG A 119 30.44 17.80 -9.37
N CYS A 120 31.04 16.63 -9.55
CA CYS A 120 32.10 16.17 -8.67
C CYS A 120 33.23 15.71 -9.55
N ARG A 121 33.99 16.70 -10.04
CA ARG A 121 34.99 16.44 -11.08
C ARG A 121 36.07 15.46 -10.66
N SER A 122 36.42 15.44 -9.38
CA SER A 122 37.48 14.56 -8.88
C SER A 122 37.07 13.08 -8.84
N LEU A 123 35.80 12.79 -9.14
CA LEU A 123 35.32 11.43 -9.26
C LEU A 123 34.93 11.06 -10.68
N THR A 124 35.15 11.97 -11.62
CA THR A 124 34.89 11.68 -13.02
C THR A 124 35.73 10.49 -13.47
N GLY A 125 35.06 9.46 -13.96
CA GLY A 125 35.71 8.27 -14.48
C GLY A 125 35.92 7.16 -13.47
N LYS A 126 35.45 7.41 -12.24
CA LYS A 126 35.60 6.44 -11.15
C LYS A 126 34.25 5.90 -10.72
N PRO A 127 34.22 4.62 -10.33
CA PRO A 127 32.98 3.95 -9.95
C PRO A 127 32.29 4.67 -8.80
N LYS A 128 31.00 4.97 -8.97
CA LYS A 128 30.19 5.57 -7.91
C LYS A 128 29.14 4.56 -7.42
N LEU A 129 29.33 4.00 -6.22
CA LEU A 129 28.51 2.87 -5.75
C LEU A 129 27.48 3.26 -4.73
N PHE A 130 26.22 3.01 -5.05
CA PHE A 130 25.14 3.33 -4.13
C PHE A 130 24.44 2.07 -3.77
N ILE A 131 24.48 1.70 -2.51
CA ILE A 131 23.83 0.49 -2.01
C ILE A 131 22.63 0.91 -1.18
N ILE A 132 21.45 0.42 -1.55
CA ILE A 132 20.23 0.96 -0.99
C ILE A 132 19.35 -0.09 -0.35
N GLN A 133 19.35 -0.15 0.99
CA GLN A 133 18.44 -1.08 1.64
C GLN A 133 17.21 -0.32 2.13
N ALA A 134 16.11 -0.49 1.41
CA ALA A 134 14.89 0.25 1.69
C ALA A 134 13.84 -0.13 0.67
N ARG A 136 10.83 -0.11 -1.99
CA ARG A 136 10.65 0.53 -3.27
C ARG A 136 9.18 0.43 -3.66
N GLY A 137 8.33 0.20 -2.67
CA GLY A 137 6.91 -0.04 -2.87
C GLY A 137 6.45 -1.01 -1.78
N THR A 138 5.19 -1.40 -1.82
CA THR A 138 4.62 -2.27 -0.78
C THR A 138 4.27 -3.66 -1.32
N GLU A 139 4.66 -3.94 -2.56
CA GLU A 139 4.36 -5.25 -3.15
C GLU A 139 5.21 -6.36 -2.57
N LEU A 140 4.58 -7.52 -2.38
CA LEU A 140 5.24 -8.70 -1.87
C LEU A 140 5.31 -9.78 -2.95
N ASP A 141 6.44 -10.48 -3.03
CA ASP A 141 6.62 -11.52 -4.03
C ASP A 141 6.24 -12.87 -3.45
N CYS A 142 5.26 -13.52 -4.09
CA CYS A 142 4.70 -14.79 -3.67
C CYS A 142 5.66 -15.92 -3.89
N GLY A 143 6.50 -15.76 -4.91
CA GLY A 143 7.48 -16.77 -5.24
C GLY A 143 6.82 -17.88 -6.00
N ILE A 144 7.64 -18.81 -6.48
CA ILE A 144 7.16 -19.88 -7.34
C ILE A 144 7.91 -21.19 -7.05
N GLU A 145 7.23 -22.32 -7.26
CA GLU A 145 7.75 -23.67 -7.04
C GLU A 145 9.08 -23.94 -7.75
N THR A 146 9.88 -24.84 -7.17
CA THR A 146 11.09 -25.37 -7.81
C THR A 146 12.18 -24.31 -7.97
N LYS A 158 35.46 12.95 -23.68
CA LYS A 158 34.12 13.26 -23.19
C LYS A 158 33.32 12.00 -22.85
N ILE A 159 32.66 12.01 -21.69
CA ILE A 159 31.85 10.89 -21.23
C ILE A 159 30.50 11.39 -20.72
N PRO A 160 29.52 10.49 -20.61
CA PRO A 160 28.19 10.86 -20.13
C PRO A 160 28.26 11.13 -18.63
N VAL A 161 27.59 12.18 -18.17
CA VAL A 161 27.65 12.59 -16.77
C VAL A 161 26.96 11.56 -15.89
N ASP A 162 26.09 10.75 -16.48
CA ASP A 162 25.37 9.73 -15.72
C ASP A 162 26.05 8.34 -15.72
N ALA A 163 27.26 8.30 -16.29
CA ALA A 163 28.07 7.07 -16.40
C ALA A 163 28.95 6.79 -15.18
N ASP A 164 29.35 5.52 -15.01
CA ASP A 164 30.17 5.10 -13.87
C ASP A 164 29.40 5.17 -12.54
N PHE A 165 28.08 5.06 -12.63
CA PHE A 165 27.28 4.89 -11.44
C PHE A 165 26.88 3.42 -11.36
N LEU A 166 26.77 2.92 -10.13
CA LEU A 166 26.18 1.59 -9.90
C LEU A 166 25.24 1.64 -8.69
N TYR A 167 24.00 1.22 -8.89
CA TYR A 167 23.03 1.12 -7.81
C TYR A 167 22.74 -0.32 -7.51
N ALA A 168 23.00 -0.72 -6.28
CA ALA A 168 22.67 -2.05 -5.80
C ALA A 168 21.45 -1.94 -4.87
N TYR A 169 20.24 -2.15 -5.41
CA TYR A 169 19.04 -2.07 -4.58
C TYR A 169 18.78 -3.40 -3.91
N SER A 170 18.07 -3.37 -2.80
CA SER A 170 17.73 -4.59 -2.08
C SER A 170 16.58 -5.40 -2.69
N THR A 171 15.70 -4.73 -3.44
CA THR A 171 14.55 -5.36 -4.13
C THR A 171 14.33 -4.76 -5.50
N ALA A 172 13.41 -5.39 -6.22
CA ALA A 172 13.00 -4.97 -7.54
C ALA A 172 12.04 -3.81 -7.39
N PRO A 173 12.00 -2.92 -8.39
CA PRO A 173 11.07 -1.78 -8.38
C PRO A 173 9.67 -2.16 -7.95
N GLY A 174 9.07 -1.35 -7.07
CA GLY A 174 7.73 -1.58 -6.59
C GLY A 174 7.57 -2.51 -5.39
N TYR A 175 8.65 -3.16 -4.95
CA TYR A 175 8.57 -4.20 -3.91
C TYR A 175 9.02 -3.79 -2.52
N TYR A 176 8.44 -4.46 -1.52
CA TYR A 176 8.88 -4.32 -0.16
C TYR A 176 10.29 -4.94 -0.03
N SER A 177 11.03 -4.58 1.02
CA SER A 177 12.38 -5.10 1.25
C SER A 177 12.46 -5.64 2.66
N TRP A 178 12.78 -6.93 2.80
CA TRP A 178 12.65 -7.64 4.07
C TRP A 178 13.89 -7.54 4.95
N ARG A 179 13.65 -7.34 6.23
CA ARG A 179 14.71 -7.35 7.21
C ARG A 179 14.41 -8.36 8.32
N ASN A 180 15.46 -8.75 9.02
CA ASN A 180 15.35 -9.53 10.24
C ASN A 180 16.00 -8.69 11.33
N SER A 181 15.19 -8.30 12.33
CA SER A 181 15.60 -7.44 13.44
C SER A 181 16.89 -7.93 14.08
N LYS A 182 17.02 -9.25 14.19
CA LYS A 182 18.12 -9.86 14.92
C LYS A 182 19.33 -10.07 14.03
N ASP A 183 19.14 -10.72 12.89
CA ASP A 183 20.23 -11.13 12.01
C ASP A 183 20.68 -10.09 10.96
N GLY A 184 19.86 -9.07 10.70
CA GLY A 184 20.14 -8.09 9.64
C GLY A 184 19.19 -8.21 8.44
N SER A 185 19.22 -7.21 7.55
CA SER A 185 18.41 -7.27 6.33
C SER A 185 18.88 -8.43 5.45
N TRP A 186 17.94 -9.04 4.73
CA TRP A 186 18.24 -10.14 3.83
C TRP A 186 19.37 -9.74 2.89
N PHE A 187 19.23 -8.57 2.30
CA PHE A 187 20.16 -8.09 1.29
C PHE A 187 21.53 -7.76 1.90
N ILE A 188 21.58 -6.92 2.92
CA ILE A 188 22.87 -6.48 3.44
C ILE A 188 23.62 -7.63 4.05
N GLN A 189 22.88 -8.52 4.71
CA GLN A 189 23.43 -9.74 5.23
C GLN A 189 24.14 -10.48 4.10
N SER A 190 23.47 -10.67 2.96
CA SER A 190 24.04 -11.38 1.82
C SER A 190 25.16 -10.61 1.09
N LEU A 191 25.02 -9.29 0.98
CA LEU A 191 26.06 -8.53 0.31
C LEU A 191 27.37 -8.64 1.08
N CYS A 192 27.32 -8.36 2.39
CA CYS A 192 28.47 -8.49 3.27
C CYS A 192 29.10 -9.87 3.20
N ALA A 193 28.29 -10.92 3.31
CA ALA A 193 28.80 -12.30 3.24
C ALA A 193 29.49 -12.55 1.91
N MET A 194 28.91 -12.04 0.85
CA MET A 194 29.47 -12.27 -0.47
C MET A 194 30.72 -11.45 -0.72
N LEU A 195 30.75 -10.22 -0.20
CA LEU A 195 31.97 -9.40 -0.34
C LEU A 195 33.11 -10.04 0.45
N LYS A 196 32.77 -10.57 1.63
CA LYS A 196 33.72 -11.27 2.48
C LYS A 196 34.28 -12.46 1.74
N GLN A 197 33.40 -13.26 1.14
CA GLN A 197 33.80 -14.50 0.48
C GLN A 197 34.45 -14.31 -0.88
N TYR A 198 34.15 -13.22 -1.57
CA TYR A 198 34.58 -13.15 -2.98
C TYR A 198 35.21 -11.86 -3.45
N ALA A 199 35.26 -10.82 -2.62
CA ALA A 199 35.83 -9.56 -3.08
C ALA A 199 37.27 -9.70 -3.59
N ASP A 200 37.99 -10.70 -3.10
CA ASP A 200 39.36 -10.98 -3.54
C ASP A 200 39.45 -11.91 -4.78
N LYS A 201 38.30 -12.33 -5.34
CA LYS A 201 38.28 -13.30 -6.45
C LYS A 201 37.51 -12.79 -7.66
N LEU A 202 36.23 -12.49 -7.47
CA LEU A 202 35.34 -12.06 -8.55
C LEU A 202 35.22 -10.56 -8.76
N GLU A 203 34.75 -10.20 -9.95
CA GLU A 203 34.40 -8.83 -10.29
C GLU A 203 33.06 -8.46 -9.62
N PHE A 204 32.87 -7.17 -9.34
CA PHE A 204 31.69 -6.73 -8.58
C PHE A 204 30.34 -7.29 -9.08
N MET A 205 30.09 -7.26 -10.39
CA MET A 205 28.81 -7.77 -10.92
C MET A 205 28.57 -9.24 -10.61
N HIS A 206 29.65 -9.99 -10.63
CA HIS A 206 29.57 -11.40 -10.29
C HIS A 206 29.34 -11.62 -8.78
N ILE A 207 29.92 -10.78 -7.93
CA ILE A 207 29.61 -10.77 -6.51
C ILE A 207 28.11 -10.49 -6.33
N LEU A 208 27.65 -9.39 -6.94
CA LEU A 208 26.26 -8.97 -6.80
C LEU A 208 25.28 -10.01 -7.35
N THR A 209 25.72 -10.77 -8.35
CA THR A 209 24.91 -11.84 -8.87
C THR A 209 24.80 -12.95 -7.82
N ARG A 210 25.91 -13.24 -7.14
CA ARG A 210 25.87 -14.21 -6.04
C ARG A 210 24.93 -13.73 -4.95
N VAL A 211 24.90 -12.42 -4.75
CA VAL A 211 24.02 -11.83 -3.78
C VAL A 211 22.57 -12.10 -4.20
N ASN A 212 22.25 -11.84 -5.47
CA ASN A 212 20.89 -12.13 -5.95
C ASN A 212 20.49 -13.56 -5.66
N ARG A 213 21.39 -14.48 -5.97
CA ARG A 213 21.15 -15.90 -5.85
C ARG A 213 20.89 -16.22 -4.39
N LYS A 214 21.74 -15.70 -3.51
CA LYS A 214 21.67 -16.02 -2.11
C LYS A 214 20.36 -15.49 -1.50
N VAL A 215 20.05 -14.21 -1.73
CA VAL A 215 18.77 -13.69 -1.24
C VAL A 215 17.57 -14.46 -1.86
N ALA A 216 17.65 -14.77 -3.15
CA ALA A 216 16.52 -15.41 -3.80
C ALA A 216 16.26 -16.86 -3.32
N THR A 217 17.28 -17.58 -2.86
CA THR A 217 17.05 -18.99 -2.58
C THR A 217 17.01 -19.33 -1.11
N GLU A 218 17.81 -18.61 -0.32
CA GLU A 218 17.96 -18.92 1.09
C GLU A 218 16.94 -18.24 1.98
N PHE A 219 16.25 -17.21 1.49
CA PHE A 219 15.34 -16.46 2.37
C PHE A 219 13.89 -16.61 1.99
N GLU A 220 13.05 -16.80 2.98
CA GLU A 220 11.61 -16.94 2.78
C GLU A 220 11.04 -16.39 4.06
N SER A 221 10.09 -15.45 3.97
CA SER A 221 9.53 -14.84 5.18
C SER A 221 8.63 -15.81 5.94
N PHE A 222 8.50 -15.57 7.24
CA PHE A 222 7.59 -16.33 8.07
C PHE A 222 6.53 -15.44 8.73
N SER A 223 5.29 -15.90 8.72
CA SER A 223 4.23 -15.15 9.37
C SER A 223 3.09 -16.03 9.79
N PHE A 224 2.54 -15.71 10.95
CA PHE A 224 1.35 -16.36 11.43
C PHE A 224 0.15 -15.98 10.58
N ASP A 225 0.21 -14.77 10.02
CA ASP A 225 -0.80 -14.33 9.07
C ASP A 225 -0.37 -14.67 7.66
N ALA A 226 -1.28 -15.30 6.91
CA ALA A 226 -0.98 -15.74 5.55
C ALA A 226 -0.51 -14.58 4.67
N THR A 227 -1.10 -13.39 4.87
CA THR A 227 -0.77 -12.25 4.03
C THR A 227 0.74 -12.04 3.90
N PHE A 228 1.47 -12.28 4.99
CA PHE A 228 2.91 -11.95 5.03
C PHE A 228 3.77 -13.17 5.09
N HIS A 229 3.17 -14.35 4.92
CA HIS A 229 3.89 -15.62 5.02
C HIS A 229 4.43 -16.20 3.70
N ALA A 230 5.65 -16.72 3.76
CA ALA A 230 6.30 -17.41 2.64
C ALA A 230 6.59 -16.48 1.46
N LYS A 231 7.00 -15.26 1.78
CA LYS A 231 7.35 -14.29 0.74
C LYS A 231 8.82 -14.34 0.40
N LYS A 232 9.14 -13.88 -0.80
CA LYS A 232 10.49 -13.99 -1.36
C LYS A 232 10.97 -12.63 -1.81
N GLN A 233 12.27 -12.53 -2.13
CA GLN A 233 12.85 -11.28 -2.55
C GLN A 233 13.99 -11.51 -3.51
N ILE A 234 14.11 -10.61 -4.48
CA ILE A 234 15.19 -10.58 -5.43
C ILE A 234 15.76 -9.16 -5.47
N PRO A 235 17.05 -9.00 -5.19
CA PRO A 235 17.70 -7.68 -5.29
C PRO A 235 17.80 -7.19 -6.74
N CYS A 236 18.25 -5.97 -6.99
CA CYS A 236 18.20 -5.40 -8.35
C CYS A 236 19.47 -4.64 -8.66
N ILE A 237 20.30 -5.18 -9.54
CA ILE A 237 21.56 -4.57 -9.90
C ILE A 237 21.30 -3.58 -11.02
N VAL A 238 21.50 -2.30 -10.75
CA VAL A 238 21.40 -1.30 -11.81
C VAL A 238 22.79 -0.71 -12.11
N SER A 239 23.38 -1.10 -13.24
CA SER A 239 24.76 -0.75 -13.57
C SER A 239 24.89 0.15 -14.79
N MET A 240 25.52 1.30 -14.58
CA MET A 240 25.90 2.19 -15.67
C MET A 240 27.42 2.25 -15.71
N LEU A 241 28.07 1.23 -15.17
CA LEU A 241 29.52 1.18 -15.17
C LEU A 241 30.00 0.94 -16.59
N THR A 242 31.25 1.26 -16.86
CA THR A 242 31.82 1.12 -18.21
C THR A 242 33.06 0.22 -18.14
N LYS A 243 33.31 -0.36 -16.98
CA LYS A 243 34.48 -1.22 -16.79
C LYS A 243 34.19 -2.24 -15.71
N GLU A 244 35.01 -3.28 -15.69
CA GLU A 244 34.93 -4.27 -14.64
C GLU A 244 35.51 -3.69 -13.35
N LEU A 245 34.99 -4.14 -12.22
CA LEU A 245 35.40 -3.63 -10.93
C LEU A 245 35.93 -4.77 -10.07
N TYR A 246 37.22 -4.65 -9.74
CA TYR A 246 37.91 -5.61 -8.90
C TYR A 246 38.39 -4.83 -7.68
N PHE A 247 38.01 -5.30 -6.51
CA PHE A 247 38.38 -4.60 -5.30
C PHE A 247 39.87 -4.75 -4.92
N TYR A 248 40.61 -5.54 -5.69
CA TYR A 248 42.02 -5.78 -5.42
C TYR A 248 42.95 -5.18 -6.49
N HIS A 249 44.24 -5.51 -6.39
CA HIS A 249 45.31 -5.03 -7.29
C HIS A 249 45.29 -3.52 -7.56
N ASP B 6 27.77 -24.67 -9.33
CA ASP B 6 26.71 -24.21 -10.27
C ASP B 6 26.40 -22.71 -10.14
N ASN B 7 27.28 -21.88 -10.70
CA ASN B 7 27.14 -20.42 -10.63
C ASN B 7 26.64 -19.83 -11.96
N SER B 8 26.20 -20.69 -12.86
CA SER B 8 25.86 -20.24 -14.18
C SER B 8 24.67 -21.00 -14.80
N TYR B 9 23.84 -20.26 -15.53
CA TYR B 9 22.69 -20.87 -16.20
C TYR B 9 23.05 -22.01 -17.13
N LYS B 10 22.23 -23.04 -17.10
CA LYS B 10 22.33 -24.16 -18.01
C LYS B 10 21.93 -23.67 -19.41
N MET B 11 22.87 -23.63 -20.34
CA MET B 11 22.58 -23.14 -21.69
C MET B 11 22.62 -24.25 -22.75
N ASP B 12 22.80 -25.49 -22.33
CA ASP B 12 22.84 -26.60 -23.26
C ASP B 12 21.51 -27.37 -23.43
N TYR B 13 20.39 -26.69 -23.19
CA TYR B 13 19.07 -27.21 -23.58
C TYR B 13 19.12 -27.38 -25.10
N PRO B 14 18.29 -28.26 -25.66
CA PRO B 14 18.23 -28.41 -27.11
C PRO B 14 18.27 -27.09 -27.89
N GLU B 15 17.41 -26.14 -27.53
CA GLU B 15 17.38 -24.83 -28.18
C GLU B 15 17.86 -23.72 -27.25
N MET B 16 18.53 -22.72 -27.80
CA MET B 16 18.90 -21.52 -27.04
C MET B 16 17.65 -20.77 -26.63
N GLY B 17 16.67 -20.73 -27.54
CA GLY B 17 15.37 -20.14 -27.28
C GLY B 17 14.93 -19.14 -28.34
N LEU B 18 13.72 -18.60 -28.16
CA LEU B 18 13.19 -17.59 -29.05
C LEU B 18 13.86 -16.24 -28.83
N CYS B 19 13.86 -15.43 -29.90
CA CYS B 19 14.32 -14.07 -29.85
C CYS B 19 13.34 -13.24 -30.66
N ILE B 20 12.34 -12.67 -29.98
CA ILE B 20 11.34 -11.81 -30.62
C ILE B 20 11.86 -10.40 -30.78
N ILE B 21 11.92 -9.92 -32.01
CA ILE B 21 12.27 -8.52 -32.30
C ILE B 21 11.04 -7.75 -32.71
N ILE B 22 10.59 -6.84 -31.86
CA ILE B 22 9.47 -5.98 -32.21
C ILE B 22 10.05 -4.67 -32.69
N ASN B 23 9.88 -4.42 -33.98
CA ASN B 23 10.48 -3.27 -34.63
C ASN B 23 9.43 -2.24 -35.10
N ASN B 24 9.21 -1.21 -34.29
CA ASN B 24 8.26 -0.15 -34.63
C ASN B 24 8.88 1.08 -35.29
N LYS B 25 8.53 1.26 -36.55
CA LYS B 25 9.04 2.32 -37.42
C LYS B 25 7.99 3.41 -37.72
N ASN B 26 6.76 2.99 -38.05
CA ASN B 26 5.70 3.93 -38.42
C ASN B 26 4.55 3.96 -37.43
N PHE B 27 4.14 5.16 -37.02
CA PHE B 27 3.08 5.34 -36.04
C PHE B 27 1.88 6.10 -36.62
N HIS B 28 0.68 5.71 -36.16
CA HIS B 28 -0.57 6.36 -36.56
C HIS B 28 -0.49 7.87 -36.38
N LYS B 29 -1.26 8.60 -37.17
CA LYS B 29 -1.28 10.06 -37.10
C LYS B 29 -1.74 10.57 -35.75
N SER B 30 -2.70 9.88 -35.13
CA SER B 30 -3.21 10.20 -33.79
C SER B 30 -2.12 10.52 -32.76
N THR B 31 -1.03 9.75 -32.79
CA THR B 31 0.03 9.89 -31.78
C THR B 31 0.88 11.14 -32.03
N GLY B 32 1.02 11.50 -33.30
CA GLY B 32 1.90 12.58 -33.69
C GLY B 32 3.36 12.31 -33.38
N MET B 33 3.78 11.05 -33.52
CA MET B 33 5.18 10.67 -33.30
C MET B 33 5.83 10.40 -34.63
N THR B 34 7.05 10.91 -34.77
CA THR B 34 7.78 10.84 -36.02
C THR B 34 8.10 9.39 -36.35
N SER B 35 8.55 9.15 -37.57
CA SER B 35 8.97 7.82 -37.95
C SER B 35 10.42 7.57 -37.51
N ARG B 36 10.71 6.32 -37.17
CA ARG B 36 12.00 5.98 -36.60
C ARG B 36 12.93 5.47 -37.68
N SER B 37 13.59 6.41 -38.37
CA SER B 37 14.44 6.09 -39.50
C SER B 37 15.74 5.43 -39.06
N GLY B 38 16.11 4.38 -39.77
CA GLY B 38 17.32 3.62 -39.45
C GLY B 38 17.08 2.44 -38.54
N THR B 39 15.84 2.26 -38.09
CA THR B 39 15.52 1.14 -37.22
C THR B 39 15.58 -0.24 -37.91
N ASP B 40 15.27 -0.29 -39.20
CA ASP B 40 15.36 -1.54 -39.94
C ASP B 40 16.79 -2.07 -39.96
N VAL B 41 17.76 -1.15 -39.87
CA VAL B 41 19.16 -1.52 -39.74
C VAL B 41 19.36 -2.33 -38.47
N ASP B 42 18.92 -1.77 -37.34
CA ASP B 42 18.93 -2.44 -36.04
C ASP B 42 18.29 -3.83 -36.12
N ALA B 43 17.07 -3.92 -36.65
CA ALA B 43 16.36 -5.20 -36.68
C ALA B 43 17.13 -6.26 -37.46
N ALA B 44 17.70 -5.86 -38.59
CA ALA B 44 18.47 -6.75 -39.44
C ALA B 44 19.75 -7.19 -38.74
N ASN B 45 20.44 -6.24 -38.12
CA ASN B 45 21.62 -6.52 -37.32
C ASN B 45 21.30 -7.42 -36.13
N LEU B 46 20.14 -7.20 -35.51
CA LEU B 46 19.73 -8.05 -34.41
C LEU B 46 19.49 -9.47 -34.88
N ARG B 47 18.65 -9.62 -35.91
CA ARG B 47 18.32 -10.91 -36.53
C ARG B 47 19.56 -11.73 -36.87
N GLU B 48 20.55 -11.10 -37.49
CA GLU B 48 21.77 -11.84 -37.85
C GLU B 48 22.58 -12.25 -36.62
N THR B 49 22.84 -11.28 -35.74
CA THR B 49 23.53 -11.53 -34.49
C THR B 49 22.92 -12.69 -33.70
N PHE B 50 21.60 -12.69 -33.53
CA PHE B 50 20.98 -13.71 -32.72
C PHE B 50 20.87 -15.07 -33.42
N ARG B 51 20.64 -15.06 -34.74
CA ARG B 51 20.73 -16.27 -35.54
C ARG B 51 22.07 -16.92 -35.27
N ASN B 52 23.13 -16.11 -35.33
CA ASN B 52 24.48 -16.61 -35.09
C ASN B 52 24.66 -17.24 -33.72
N LEU B 53 23.98 -16.67 -32.71
CA LEU B 53 24.02 -17.19 -31.35
C LEU B 53 23.10 -18.40 -31.18
N LYS B 54 22.40 -18.76 -32.26
CA LYS B 54 21.53 -19.94 -32.31
C LYS B 54 20.14 -19.75 -31.67
N TYR B 55 19.66 -18.52 -31.67
CA TYR B 55 18.30 -18.21 -31.20
C TYR B 55 17.27 -18.33 -32.32
N GLU B 56 16.07 -18.75 -31.97
CA GLU B 56 14.97 -18.82 -32.92
C GLU B 56 14.35 -17.44 -33.11
N VAL B 57 14.88 -16.67 -34.06
CA VAL B 57 14.40 -15.32 -34.31
C VAL B 57 13.03 -15.21 -35.00
N ARG B 58 12.22 -14.24 -34.57
CA ARG B 58 10.97 -13.88 -35.22
C ARG B 58 10.84 -12.37 -35.24
N ASN B 59 10.85 -11.77 -36.43
CA ASN B 59 10.74 -10.30 -36.53
C ASN B 59 9.33 -9.82 -36.79
N LYS B 60 8.84 -8.92 -35.93
CA LYS B 60 7.51 -8.35 -36.09
C LYS B 60 7.60 -6.86 -36.36
N ASN B 61 6.80 -6.38 -37.29
CA ASN B 61 6.93 -4.99 -37.69
C ASN B 61 5.69 -4.19 -37.39
N ASP B 62 5.90 -2.97 -36.93
CA ASP B 62 4.82 -2.02 -36.71
C ASP B 62 3.59 -2.65 -36.06
N LEU B 63 3.70 -2.96 -34.77
CA LEU B 63 2.60 -3.57 -34.04
C LEU B 63 1.87 -2.52 -33.22
N THR B 64 0.55 -2.62 -33.17
CA THR B 64 -0.26 -1.77 -32.28
C THR B 64 -0.04 -2.21 -30.85
N ARG B 65 -0.45 -1.38 -29.90
CA ARG B 65 -0.35 -1.75 -28.49
C ARG B 65 -1.03 -3.11 -28.17
N GLU B 66 -2.16 -3.39 -28.82
CA GLU B 66 -2.84 -4.66 -28.66
C GLU B 66 -2.08 -5.81 -29.31
N GLU B 67 -1.50 -5.55 -30.47
CA GLU B 67 -0.71 -6.57 -31.16
C GLU B 67 0.47 -7.00 -30.31
N ILE B 68 1.14 -6.03 -29.67
CA ILE B 68 2.25 -6.29 -28.74
C ILE B 68 1.80 -7.22 -27.62
N VAL B 69 0.78 -6.78 -26.87
CA VAL B 69 0.22 -7.56 -25.77
C VAL B 69 -0.09 -8.99 -26.21
N GLU B 70 -0.89 -9.10 -27.27
CA GLU B 70 -1.25 -10.40 -27.85
C GLU B 70 -0.04 -11.27 -28.16
N LEU B 71 0.92 -10.72 -28.91
CA LEU B 71 2.10 -11.48 -29.25
C LEU B 71 2.80 -11.96 -27.98
N MET B 72 2.93 -11.10 -26.98
CA MET B 72 3.64 -11.48 -25.77
C MET B 72 2.87 -12.54 -24.99
N ARG B 73 1.54 -12.40 -24.95
CA ARG B 73 0.70 -13.40 -24.33
C ARG B 73 0.86 -14.75 -25.05
N ASP B 74 0.86 -14.72 -26.38
CA ASP B 74 0.99 -15.93 -27.18
C ASP B 74 2.30 -16.64 -26.92
N VAL B 75 3.41 -15.91 -27.09
CA VAL B 75 4.74 -16.44 -26.82
C VAL B 75 4.84 -17.01 -25.39
N SER B 76 4.35 -16.24 -24.42
CA SER B 76 4.42 -16.67 -23.02
C SER B 76 3.74 -18.00 -22.78
N LYS B 77 2.75 -18.31 -23.61
CA LYS B 77 1.96 -19.53 -23.45
C LYS B 77 2.51 -20.71 -24.26
N GLU B 78 3.52 -20.44 -25.08
CA GLU B 78 4.25 -21.51 -25.76
C GLU B 78 4.95 -22.42 -24.73
N ASP B 79 5.48 -23.54 -25.18
CA ASP B 79 6.16 -24.46 -24.28
C ASP B 79 7.68 -24.37 -24.47
N HIS B 80 8.34 -23.76 -23.49
CA HIS B 80 9.76 -23.47 -23.53
C HIS B 80 10.59 -24.51 -22.79
N SER B 81 10.02 -25.68 -22.56
CA SER B 81 10.74 -26.74 -21.86
C SER B 81 12.08 -27.03 -22.51
N LYS B 82 12.12 -27.05 -23.84
CA LYS B 82 13.33 -27.39 -24.57
C LYS B 82 14.22 -26.18 -24.89
N ARG B 83 14.07 -25.10 -24.13
CA ARG B 83 14.75 -23.83 -24.42
C ARG B 83 15.57 -23.27 -23.26
N SER B 84 16.80 -22.85 -23.54
CA SER B 84 17.72 -22.40 -22.50
C SER B 84 17.31 -21.06 -21.88
N SER B 85 16.75 -20.21 -22.73
CA SER B 85 16.49 -18.83 -22.40
C SER B 85 15.38 -18.27 -23.27
N PHE B 86 15.09 -17.00 -23.04
CA PHE B 86 14.15 -16.24 -23.87
C PHE B 86 14.69 -14.82 -24.00
N VAL B 87 14.64 -14.27 -25.21
CA VAL B 87 15.07 -12.91 -25.47
C VAL B 87 13.94 -12.15 -26.15
N CYS B 88 13.76 -10.89 -25.76
CA CYS B 88 12.82 -10.02 -26.43
C CYS B 88 13.40 -8.62 -26.64
N VAL B 89 13.55 -8.20 -27.89
CA VAL B 89 14.09 -6.88 -28.20
C VAL B 89 12.98 -5.98 -28.67
N LEU B 90 12.85 -4.82 -28.03
CA LEU B 90 11.81 -3.84 -28.34
C LEU B 90 12.42 -2.58 -28.94
N LEU B 91 11.97 -2.22 -30.14
CA LEU B 91 12.52 -1.07 -30.84
C LEU B 91 11.42 -0.07 -31.18
N SER B 92 11.43 1.09 -30.54
CA SER B 92 10.34 2.04 -30.71
C SER B 92 10.53 3.28 -29.85
N HIS B 93 9.60 4.23 -29.97
CA HIS B 93 9.53 5.35 -29.06
C HIS B 93 9.16 4.83 -27.65
N GLY B 94 9.46 5.64 -26.63
CA GLY B 94 9.09 5.26 -25.28
C GLY B 94 9.20 6.40 -24.30
N GLU B 95 8.83 6.12 -23.05
CA GLU B 95 9.03 7.03 -21.91
C GLU B 95 9.41 6.13 -20.76
N GLU B 96 9.77 6.72 -19.62
CA GLU B 96 10.05 5.92 -18.44
C GLU B 96 8.96 4.88 -18.24
N GLY B 97 9.34 3.61 -18.34
CA GLY B 97 8.45 2.51 -18.04
C GLY B 97 7.52 2.12 -19.17
N ILE B 98 7.64 2.80 -20.30
CA ILE B 98 6.70 2.65 -21.41
C ILE B 98 7.43 2.53 -22.74
N ILE B 99 6.91 1.65 -23.61
CA ILE B 99 7.25 1.63 -25.02
C ILE B 99 5.99 1.89 -25.84
N PHE B 100 6.13 2.36 -27.08
CA PHE B 100 4.94 2.62 -27.88
C PHE B 100 4.65 1.55 -28.94
N GLY B 101 3.42 1.02 -28.91
CA GLY B 101 2.83 0.38 -30.08
C GLY B 101 2.63 1.48 -31.13
N THR B 102 2.19 1.11 -32.33
CA THR B 102 1.98 2.12 -33.37
C THR B 102 0.86 3.10 -33.03
N ASN B 103 -0.10 2.66 -32.20
CA ASN B 103 -1.27 3.48 -31.87
C ASN B 103 -1.19 4.17 -30.50
N GLY B 104 -0.22 3.80 -29.68
CA GLY B 104 -0.14 4.32 -28.33
C GLY B 104 0.68 3.48 -27.35
N PRO B 105 0.62 3.85 -26.06
CA PRO B 105 1.55 3.34 -25.06
C PRO B 105 1.16 2.02 -24.37
N VAL B 106 2.18 1.23 -24.08
CA VAL B 106 2.06 -0.01 -23.33
C VAL B 106 3.07 0.11 -22.21
N ASP B 107 2.67 -0.28 -21.01
CA ASP B 107 3.60 -0.35 -19.91
C ASP B 107 4.49 -1.56 -20.13
N LEU B 108 5.80 -1.37 -20.00
CA LEU B 108 6.77 -2.45 -20.14
C LEU B 108 6.45 -3.57 -19.19
N LYS B 109 5.99 -3.18 -18.01
CA LYS B 109 5.65 -4.11 -16.95
C LYS B 109 4.51 -5.05 -17.37
N LYS B 110 3.62 -4.57 -18.23
CA LYS B 110 2.54 -5.41 -18.74
C LYS B 110 3.12 -6.46 -19.65
N ILE B 111 4.03 -6.05 -20.54
CA ILE B 111 4.64 -7.02 -21.42
C ILE B 111 5.57 -7.99 -20.67
N THR B 112 6.28 -7.51 -19.65
CA THR B 112 7.23 -8.39 -18.96
C THR B 112 6.56 -9.34 -17.98
N ASN B 113 5.37 -8.97 -17.48
CA ASN B 113 4.66 -9.82 -16.52
C ASN B 113 4.18 -11.17 -17.04
N PHE B 114 3.92 -11.26 -18.35
CA PHE B 114 3.53 -12.52 -18.98
C PHE B 114 4.56 -13.60 -18.78
N PHE B 115 5.76 -13.22 -18.36
CA PHE B 115 6.83 -14.19 -18.22
C PHE B 115 7.29 -14.39 -16.77
N ARG B 116 6.66 -13.71 -15.81
CA ARG B 116 7.03 -13.84 -14.39
C ARG B 116 7.01 -15.31 -14.01
N GLY B 117 8.07 -15.78 -13.35
CA GLY B 117 8.26 -17.20 -13.02
C GLY B 117 7.05 -18.04 -12.64
N ASP B 118 5.89 -17.42 -12.43
CA ASP B 118 4.66 -18.11 -12.05
C ASP B 118 3.55 -18.11 -13.13
N ARG B 119 3.78 -17.37 -14.21
CA ARG B 119 2.84 -17.26 -15.33
C ARG B 119 3.42 -17.92 -16.58
N CYS B 120 4.70 -18.27 -16.52
CA CYS B 120 5.38 -18.96 -17.60
C CYS B 120 6.33 -20.01 -17.04
N ARG B 121 5.76 -21.15 -16.67
CA ARG B 121 6.47 -22.18 -15.91
C ARG B 121 7.57 -22.87 -16.67
N SER B 122 7.50 -22.83 -17.99
CA SER B 122 8.52 -23.45 -18.82
C SER B 122 9.78 -22.59 -18.91
N LEU B 123 9.70 -21.39 -18.32
CA LEU B 123 10.84 -20.49 -18.25
C LEU B 123 11.34 -20.18 -16.82
N THR B 124 10.77 -20.85 -15.82
CA THR B 124 11.22 -20.68 -14.45
C THR B 124 12.67 -21.15 -14.24
N GLY B 125 13.48 -20.31 -13.59
CA GLY B 125 14.89 -20.60 -13.39
C GLY B 125 15.71 -20.39 -14.67
N LYS B 126 15.09 -19.79 -15.70
CA LYS B 126 15.81 -19.54 -16.93
C LYS B 126 15.84 -18.03 -17.22
N PRO B 127 16.95 -17.56 -17.79
CA PRO B 127 17.13 -16.13 -18.06
C PRO B 127 16.13 -15.58 -19.07
N LYS B 128 15.31 -14.64 -18.60
CA LYS B 128 14.45 -13.85 -19.43
C LYS B 128 15.15 -12.53 -19.77
N LEU B 129 15.43 -12.27 -21.05
CA LEU B 129 16.17 -11.07 -21.44
C LEU B 129 15.37 -10.06 -22.26
N PHE B 130 15.33 -8.81 -21.81
CA PHE B 130 14.59 -7.80 -22.53
C PHE B 130 15.54 -6.68 -22.91
N ILE B 131 15.74 -6.51 -24.22
CA ILE B 131 16.59 -5.48 -24.76
C ILE B 131 15.64 -4.37 -25.15
N ILE B 132 15.83 -3.19 -24.59
CA ILE B 132 14.90 -2.10 -24.85
C ILE B 132 15.60 -0.89 -25.43
N GLN B 133 15.40 -0.68 -26.73
CA GLN B 133 15.90 0.51 -27.41
C GLN B 133 14.69 1.45 -27.53
N ALA B 134 14.60 2.40 -26.60
CA ALA B 134 13.49 3.34 -26.49
C ALA B 134 13.85 4.44 -25.49
N ARG B 136 13.49 6.95 -22.40
CA ARG B 136 12.98 6.80 -21.04
C ARG B 136 12.68 8.18 -20.46
N GLY B 137 12.44 9.12 -21.37
CA GLY B 137 12.35 10.53 -21.02
C GLY B 137 13.06 11.41 -22.05
N THR B 138 13.19 12.69 -21.69
CA THR B 138 13.66 13.69 -22.63
C THR B 138 14.97 14.33 -22.16
N GLU B 139 15.39 14.02 -20.94
CA GLU B 139 16.68 14.52 -20.47
C GLU B 139 17.80 14.17 -21.47
N LEU B 140 18.66 15.16 -21.70
CA LEU B 140 19.79 14.99 -22.58
C LEU B 140 21.05 15.08 -21.75
N ASP B 141 21.97 14.15 -21.96
CA ASP B 141 23.23 14.08 -21.21
C ASP B 141 24.31 14.91 -21.90
N CYS B 142 24.61 16.06 -21.30
CA CYS B 142 25.59 17.02 -21.85
C CYS B 142 27.02 16.55 -21.82
N GLY B 143 27.31 15.49 -21.06
CA GLY B 143 28.65 14.94 -20.99
C GLY B 143 29.63 15.81 -20.23
N ILE B 144 30.74 15.20 -19.84
CA ILE B 144 31.82 15.87 -19.12
C ILE B 144 33.14 15.47 -19.76
N GLU B 145 34.14 16.36 -19.67
CA GLU B 145 35.38 16.24 -20.45
C GLU B 145 36.54 15.52 -19.77
N THR B 146 37.14 14.58 -20.51
CA THR B 146 38.42 13.94 -20.22
C THR B 146 38.88 13.20 -21.49
N ASP B 147 38.30 13.60 -22.63
CA ASP B 147 38.46 12.92 -23.94
C ASP B 147 39.52 11.81 -24.02
N HIS B 157 12.47 -26.13 -3.43
CA HIS B 157 12.65 -24.75 -2.97
C HIS B 157 11.57 -23.82 -3.54
N LYS B 158 11.88 -22.53 -3.52
CA LYS B 158 11.00 -21.50 -4.04
C LYS B 158 11.88 -20.34 -4.47
N ILE B 159 11.57 -19.74 -5.62
CA ILE B 159 12.27 -18.53 -6.07
C ILE B 159 11.31 -17.36 -6.22
N PRO B 160 11.82 -16.12 -6.15
CA PRO B 160 10.96 -14.95 -6.34
C PRO B 160 10.48 -14.90 -7.78
N VAL B 161 9.22 -14.54 -8.01
CA VAL B 161 8.68 -14.55 -9.35
C VAL B 161 9.29 -13.46 -10.22
N ASP B 162 9.94 -12.48 -9.60
CA ASP B 162 10.57 -11.41 -10.36
C ASP B 162 12.06 -11.70 -10.68
N ALA B 163 12.54 -12.88 -10.26
CA ALA B 163 13.92 -13.31 -10.53
C ALA B 163 14.16 -13.86 -11.95
N ASP B 164 15.44 -13.93 -12.32
CA ASP B 164 15.89 -14.39 -13.62
C ASP B 164 15.49 -13.48 -14.77
N PHE B 165 15.37 -12.18 -14.49
CA PHE B 165 15.14 -11.21 -15.55
C PHE B 165 16.33 -10.29 -15.71
N LEU B 166 16.65 -9.94 -16.95
CA LEU B 166 17.63 -8.91 -17.21
C LEU B 166 17.00 -7.92 -18.18
N TYR B 167 17.00 -6.65 -17.81
CA TYR B 167 16.53 -5.61 -18.68
C TYR B 167 17.76 -4.84 -19.13
N ALA B 168 18.04 -4.88 -20.42
CA ALA B 168 19.13 -4.08 -20.97
C ALA B 168 18.55 -2.87 -21.67
N TYR B 169 18.54 -1.74 -20.96
CA TYR B 169 18.01 -0.49 -21.52
C TYR B 169 19.11 0.23 -22.27
N SER B 170 18.72 0.97 -23.30
CA SER B 170 19.65 1.75 -24.10
C SER B 170 20.10 3.04 -23.44
N THR B 171 19.34 3.58 -22.49
CA THR B 171 19.78 4.78 -21.72
C THR B 171 19.37 4.75 -20.26
N ALA B 172 19.96 5.66 -19.48
CA ALA B 172 19.58 5.91 -18.09
C ALA B 172 18.10 6.36 -17.98
N PRO B 173 17.46 6.05 -16.84
CA PRO B 173 16.12 6.56 -16.52
C PRO B 173 15.97 8.05 -16.74
N GLY B 174 14.91 8.45 -17.46
CA GLY B 174 14.69 9.86 -17.70
C GLY B 174 15.30 10.39 -18.99
N TYR B 175 16.23 9.62 -19.56
CA TYR B 175 17.02 10.08 -20.71
C TYR B 175 16.50 9.71 -22.09
N TYR B 176 16.85 10.56 -23.04
CA TYR B 176 16.59 10.35 -24.44
C TYR B 176 17.52 9.23 -24.91
N SER B 177 17.09 8.53 -25.96
CA SER B 177 17.89 7.46 -26.54
C SER B 177 18.19 7.80 -27.99
N TRP B 178 19.49 7.81 -28.32
CA TRP B 178 19.95 8.26 -29.62
C TRP B 178 19.95 7.19 -30.74
N ARG B 179 19.44 7.60 -31.90
CA ARG B 179 19.47 6.79 -33.11
C ARG B 179 20.21 7.54 -34.21
N ASN B 180 20.96 6.80 -35.00
CA ASN B 180 21.61 7.36 -36.20
C ASN B 180 20.88 6.76 -37.40
N SER B 181 20.42 7.62 -38.30
CA SER B 181 19.61 7.23 -39.47
C SER B 181 20.26 6.19 -40.40
N LYS B 182 21.59 6.17 -40.42
CA LYS B 182 22.36 5.30 -41.30
C LYS B 182 22.72 3.94 -40.67
N ASP B 183 23.44 3.97 -39.54
CA ASP B 183 23.87 2.72 -38.91
C ASP B 183 23.01 2.27 -37.72
N GLY B 184 21.78 2.77 -37.65
CA GLY B 184 20.88 2.41 -36.56
C GLY B 184 21.24 3.04 -35.23
N SER B 185 20.60 2.58 -34.16
CA SER B 185 20.73 3.20 -32.84
C SER B 185 22.09 2.93 -32.24
N TRP B 186 22.62 3.89 -31.49
CA TRP B 186 23.94 3.75 -30.86
C TRP B 186 24.04 2.46 -30.08
N PHE B 187 23.00 2.17 -29.30
CA PHE B 187 22.95 1.03 -28.40
C PHE B 187 22.93 -0.30 -29.12
N ILE B 188 21.94 -0.49 -29.99
CA ILE B 188 21.81 -1.78 -30.70
C ILE B 188 23.04 -2.13 -31.52
N GLN B 189 23.55 -1.12 -32.21
CA GLN B 189 24.78 -1.17 -32.98
C GLN B 189 25.95 -1.67 -32.14
N SER B 190 26.09 -1.13 -30.93
CA SER B 190 27.16 -1.52 -30.01
C SER B 190 26.91 -2.88 -29.36
N LEU B 191 25.65 -3.14 -29.01
CA LEU B 191 25.28 -4.42 -28.44
C LEU B 191 25.61 -5.55 -29.41
N CYS B 192 25.21 -5.39 -30.67
CA CYS B 192 25.50 -6.42 -31.67
C CYS B 192 26.99 -6.63 -31.90
N ALA B 193 27.73 -5.53 -32.06
CA ALA B 193 29.16 -5.63 -32.34
C ALA B 193 29.82 -6.38 -31.22
N MET B 194 29.38 -6.09 -30.00
CA MET B 194 30.00 -6.64 -28.82
C MET B 194 29.66 -8.12 -28.56
N LEU B 195 28.48 -8.54 -28.99
CA LEU B 195 28.10 -9.94 -28.91
C LEU B 195 28.88 -10.77 -29.93
N LYS B 196 28.87 -10.32 -31.19
CA LYS B 196 29.63 -11.00 -32.24
C LYS B 196 31.08 -11.18 -31.77
N GLN B 197 31.65 -10.13 -31.18
CA GLN B 197 33.03 -10.17 -30.72
C GLN B 197 33.29 -11.00 -29.47
N TYR B 198 32.33 -11.05 -28.54
CA TYR B 198 32.59 -11.63 -27.22
C TYR B 198 31.60 -12.67 -26.69
N ALA B 199 30.58 -13.04 -27.46
CA ALA B 199 29.64 -14.01 -26.96
C ALA B 199 30.33 -15.35 -26.67
N ASP B 200 31.35 -15.68 -27.44
CA ASP B 200 32.05 -16.95 -27.23
C ASP B 200 33.03 -16.92 -26.05
N LYS B 201 33.31 -15.74 -25.50
CA LYS B 201 34.28 -15.63 -24.42
C LYS B 201 33.66 -15.16 -23.10
N LEU B 202 33.10 -13.94 -23.11
CA LEU B 202 32.65 -13.26 -21.89
C LEU B 202 31.26 -13.64 -21.33
N GLU B 203 31.12 -13.49 -20.01
CA GLU B 203 29.83 -13.57 -19.33
C GLU B 203 28.98 -12.36 -19.74
N PHE B 204 27.66 -12.52 -19.83
CA PHE B 204 26.80 -11.47 -20.37
C PHE B 204 26.93 -10.07 -19.74
N MET B 205 26.98 -9.99 -18.41
CA MET B 205 27.21 -8.71 -17.73
C MET B 205 28.46 -8.03 -18.24
N HIS B 206 29.47 -8.83 -18.48
CA HIS B 206 30.74 -8.28 -18.92
C HIS B 206 30.60 -7.77 -20.35
N ILE B 207 29.81 -8.47 -21.16
CA ILE B 207 29.56 -8.00 -22.51
C ILE B 207 28.80 -6.67 -22.45
N LEU B 208 27.71 -6.66 -21.69
CA LEU B 208 26.91 -5.45 -21.55
C LEU B 208 27.70 -4.28 -20.96
N THR B 209 28.60 -4.58 -20.02
CA THR B 209 29.53 -3.56 -19.50
C THR B 209 30.38 -2.95 -20.65
N ARG B 210 30.92 -3.79 -21.54
CA ARG B 210 31.63 -3.28 -22.72
C ARG B 210 30.74 -2.47 -23.65
N VAL B 211 29.50 -2.89 -23.79
CA VAL B 211 28.55 -2.13 -24.57
C VAL B 211 28.43 -0.74 -23.93
N ASN B 212 28.29 -0.69 -22.60
CA ASN B 212 28.26 0.59 -21.89
C ASN B 212 29.42 1.52 -22.27
N ARG B 213 30.66 1.04 -22.15
CA ARG B 213 31.83 1.82 -22.55
C ARG B 213 31.81 2.25 -24.02
N LYS B 214 31.41 1.34 -24.90
CA LYS B 214 31.37 1.69 -26.31
C LYS B 214 30.38 2.81 -26.58
N VAL B 215 29.18 2.72 -25.99
CA VAL B 215 28.19 3.76 -26.22
C VAL B 215 28.68 5.06 -25.56
N ALA B 216 29.20 4.94 -24.33
CA ALA B 216 29.60 6.11 -23.57
C ALA B 216 30.74 6.89 -24.22
N THR B 217 31.71 6.17 -24.80
CA THR B 217 32.92 6.83 -25.30
C THR B 217 32.93 7.07 -26.80
N GLU B 218 32.44 6.13 -27.59
CA GLU B 218 32.55 6.25 -29.04
C GLU B 218 31.46 7.10 -29.72
N PHE B 219 30.49 7.60 -28.97
CA PHE B 219 29.36 8.27 -29.61
C PHE B 219 29.11 9.66 -29.06
N GLU B 220 28.57 10.53 -29.90
CA GLU B 220 28.31 11.93 -29.56
C GLU B 220 27.38 12.47 -30.62
N SER B 221 26.29 13.12 -30.22
CA SER B 221 25.28 13.55 -31.19
C SER B 221 25.79 14.72 -32.06
N PHE B 222 25.19 14.86 -33.24
CA PHE B 222 25.52 15.97 -34.12
C PHE B 222 24.26 16.69 -34.50
N SER B 223 24.21 17.98 -34.23
CA SER B 223 23.04 18.76 -34.62
C SER B 223 23.42 20.17 -35.00
N PHE B 224 22.65 20.73 -35.94
CA PHE B 224 22.73 22.16 -36.28
C PHE B 224 22.12 22.98 -35.16
N ASP B 225 21.40 22.30 -34.27
CA ASP B 225 20.78 22.92 -33.11
C ASP B 225 21.67 22.63 -31.91
N ALA B 226 22.25 23.66 -31.31
CA ALA B 226 23.15 23.46 -30.17
C ALA B 226 22.47 22.75 -28.98
N THR B 227 21.13 22.88 -28.89
CA THR B 227 20.32 22.15 -27.93
C THR B 227 20.61 20.66 -27.99
N PHE B 228 20.60 20.12 -29.22
CA PHE B 228 20.69 18.70 -29.46
C PHE B 228 22.08 18.24 -29.89
N HIS B 229 23.05 19.17 -29.82
CA HIS B 229 24.41 18.92 -30.30
C HIS B 229 25.32 18.42 -29.19
N ALA B 230 26.24 17.53 -29.56
CA ALA B 230 27.30 17.06 -28.67
C ALA B 230 26.81 16.22 -27.47
N LYS B 231 25.61 15.67 -27.58
CA LYS B 231 24.97 14.95 -26.48
C LYS B 231 25.46 13.51 -26.34
N LYS B 232 25.57 13.07 -25.09
CA LYS B 232 26.15 11.78 -24.78
C LYS B 232 25.11 10.78 -24.27
N GLN B 233 25.52 9.54 -24.07
CA GLN B 233 24.60 8.47 -23.64
C GLN B 233 25.30 7.32 -22.93
N ILE B 234 24.63 6.82 -21.89
CA ILE B 234 25.06 5.61 -21.21
C ILE B 234 23.84 4.71 -21.10
N PRO B 235 23.98 3.46 -21.54
CA PRO B 235 22.92 2.47 -21.37
C PRO B 235 22.78 2.14 -19.90
N CYS B 236 21.79 1.33 -19.56
CA CYS B 236 21.55 1.01 -18.17
C CYS B 236 21.18 -0.48 -18.04
N ILE B 237 22.07 -1.25 -17.42
CA ILE B 237 21.89 -2.69 -17.25
C ILE B 237 21.14 -3.00 -15.95
N VAL B 238 19.95 -3.54 -16.06
CA VAL B 238 19.17 -3.87 -14.87
C VAL B 238 19.04 -5.38 -14.74
N SER B 239 19.69 -5.95 -13.75
CA SER B 239 19.75 -7.40 -13.65
C SER B 239 19.19 -7.96 -12.32
N MET B 240 18.24 -8.88 -12.46
CA MET B 240 17.81 -9.69 -11.33
C MET B 240 18.07 -11.14 -11.71
N LEU B 241 19.18 -11.33 -12.41
CA LEU B 241 19.68 -12.64 -12.71
C LEU B 241 20.32 -13.21 -11.45
N THR B 242 20.27 -14.54 -11.32
CA THR B 242 20.77 -15.22 -10.13
C THR B 242 22.00 -16.02 -10.48
N LYS B 243 22.41 -15.93 -11.75
CA LYS B 243 23.56 -16.70 -12.22
C LYS B 243 24.31 -16.03 -13.34
N GLU B 244 25.56 -16.43 -13.50
CA GLU B 244 26.32 -16.04 -14.66
C GLU B 244 25.70 -16.59 -15.96
N LEU B 245 25.73 -15.79 -17.01
CA LEU B 245 25.12 -16.16 -18.28
C LEU B 245 26.18 -16.22 -19.40
N TYR B 246 26.46 -17.44 -19.87
CA TYR B 246 27.37 -17.67 -20.99
C TYR B 246 26.58 -18.20 -22.18
N PHE B 247 26.86 -17.66 -23.36
CA PHE B 247 26.17 -18.08 -24.57
C PHE B 247 26.77 -19.34 -25.18
N TYR B 248 28.04 -19.59 -24.93
CA TYR B 248 28.66 -20.84 -25.34
C TYR B 248 28.71 -21.80 -24.16
N HIS B 249 28.96 -23.08 -24.45
CA HIS B 249 29.04 -24.08 -23.39
C HIS B 249 30.49 -24.54 -23.11
N ASP C 6 -40.88 -2.60 25.23
CA ASP C 6 -40.86 -2.34 23.76
C ASP C 6 -39.55 -1.70 23.28
N ASN C 7 -38.47 -1.92 24.05
CA ASN C 7 -37.16 -1.35 23.75
C ASN C 7 -36.27 -2.26 22.92
N SER C 8 -36.68 -3.52 22.80
CA SER C 8 -35.90 -4.55 22.13
C SER C 8 -36.61 -5.14 20.91
N TYR C 9 -35.84 -5.74 20.00
CA TYR C 9 -36.37 -6.38 18.81
C TYR C 9 -37.22 -7.61 19.18
N LYS C 10 -38.16 -7.96 18.30
CA LYS C 10 -38.96 -9.16 18.49
C LYS C 10 -38.20 -10.38 18.00
N MET C 11 -37.64 -11.12 18.95
CA MET C 11 -36.78 -12.25 18.64
C MET C 11 -37.48 -13.58 18.89
N ASP C 12 -38.81 -13.52 19.02
CA ASP C 12 -39.60 -14.69 19.38
C ASP C 12 -40.54 -15.18 18.25
N TYR C 13 -40.15 -14.91 17.00
CA TYR C 13 -40.81 -15.52 15.83
C TYR C 13 -40.57 -17.04 15.87
N PRO C 14 -41.18 -17.81 14.97
CA PRO C 14 -40.90 -19.26 14.90
C PRO C 14 -39.44 -19.62 14.57
N GLU C 15 -38.79 -18.84 13.69
CA GLU C 15 -37.37 -19.04 13.36
C GLU C 15 -36.54 -17.80 13.68
N MET C 16 -35.33 -18.02 14.20
CA MET C 16 -34.34 -16.95 14.42
C MET C 16 -33.96 -16.24 13.13
N GLY C 17 -33.87 -17.02 12.06
CA GLY C 17 -33.53 -16.51 10.76
C GLY C 17 -32.43 -17.34 10.15
N LEU C 18 -31.99 -16.96 8.96
CA LEU C 18 -30.91 -17.69 8.31
C LEU C 18 -29.59 -16.92 8.35
N CYS C 19 -28.51 -17.69 8.54
CA CYS C 19 -27.17 -17.14 8.62
C CYS C 19 -26.39 -17.55 7.41
N ILE C 20 -26.10 -16.59 6.54
CA ILE C 20 -25.41 -16.82 5.27
C ILE C 20 -23.93 -16.50 5.42
N ILE C 21 -23.09 -17.53 5.32
CA ILE C 21 -21.64 -17.39 5.43
C ILE C 21 -20.95 -17.51 4.08
N ILE C 22 -20.29 -16.45 3.63
CA ILE C 22 -19.54 -16.49 2.37
C ILE C 22 -18.05 -16.60 2.68
N ASN C 23 -17.44 -17.69 2.22
CA ASN C 23 -16.11 -18.04 2.65
C ASN C 23 -15.15 -18.17 1.46
N ASN C 24 -14.49 -17.08 1.12
CA ASN C 24 -13.57 -17.08 -0.02
C ASN C 24 -12.13 -17.42 0.35
N LYS C 25 -11.64 -18.55 -0.14
CA LYS C 25 -10.30 -19.02 0.15
C LYS C 25 -9.39 -18.79 -1.04
N ASN C 26 -9.82 -19.24 -2.21
CA ASN C 26 -8.96 -19.22 -3.38
C ASN C 26 -9.43 -18.23 -4.41
N PHE C 27 -8.47 -17.57 -5.05
CA PHE C 27 -8.76 -16.51 -6.00
C PHE C 27 -8.20 -16.84 -7.38
N HIS C 28 -8.88 -16.35 -8.41
CA HIS C 28 -8.49 -16.57 -9.79
C HIS C 28 -7.12 -15.95 -10.00
N LYS C 29 -6.26 -16.65 -10.72
CA LYS C 29 -4.90 -16.19 -10.96
C LYS C 29 -4.90 -14.81 -11.65
N SER C 30 -6.06 -14.44 -12.19
CA SER C 30 -6.24 -13.17 -12.90
C SER C 30 -6.40 -11.96 -11.96
N THR C 31 -6.61 -12.23 -10.67
CA THR C 31 -6.73 -11.18 -9.68
C THR C 31 -5.41 -10.85 -8.97
N GLY C 32 -4.43 -11.76 -9.07
CA GLY C 32 -3.17 -11.61 -8.35
C GLY C 32 -3.24 -11.87 -6.84
N MET C 33 -4.45 -11.96 -6.31
CA MET C 33 -4.70 -12.11 -4.87
C MET C 33 -4.31 -13.47 -4.30
N THR C 34 -3.88 -13.46 -3.05
CA THR C 34 -3.36 -14.64 -2.37
C THR C 34 -4.42 -15.53 -1.74
N SER C 35 -4.00 -16.76 -1.46
CA SER C 35 -4.82 -17.74 -0.79
C SER C 35 -4.99 -17.37 0.69
N ARG C 36 -6.23 -17.43 1.17
CA ARG C 36 -6.53 -17.05 2.54
C ARG C 36 -6.51 -18.28 3.45
N SER C 37 -5.31 -18.82 3.63
CA SER C 37 -5.09 -20.03 4.45
C SER C 37 -5.73 -19.89 5.82
N GLY C 38 -6.45 -20.93 6.23
CA GLY C 38 -7.05 -20.97 7.54
C GLY C 38 -8.43 -20.38 7.62
N THR C 39 -8.94 -19.84 6.52
CA THR C 39 -10.26 -19.21 6.57
C THR C 39 -11.38 -20.20 6.91
N ASP C 40 -11.16 -21.48 6.58
CA ASP C 40 -12.11 -22.55 6.90
C ASP C 40 -12.31 -22.72 8.41
N VAL C 41 -11.32 -22.32 9.19
CA VAL C 41 -11.41 -22.28 10.66
C VAL C 41 -12.39 -21.19 11.13
N ASP C 42 -12.44 -20.08 10.40
CA ASP C 42 -13.40 -19.03 10.71
C ASP C 42 -14.79 -19.54 10.36
N ALA C 43 -14.95 -19.97 9.10
CA ALA C 43 -16.21 -20.53 8.63
C ALA C 43 -16.78 -21.58 9.60
N ALA C 44 -15.99 -22.62 9.89
CA ALA C 44 -16.41 -23.69 10.78
C ALA C 44 -16.89 -23.19 12.15
N ASN C 45 -16.12 -22.29 12.75
CA ASN C 45 -16.38 -21.81 14.09
C ASN C 45 -17.62 -20.92 14.11
N LEU C 46 -17.89 -20.26 12.98
CA LEU C 46 -19.08 -19.42 12.85
C LEU C 46 -20.30 -20.29 12.66
N ARG C 47 -20.12 -21.38 11.93
CA ARG C 47 -21.17 -22.35 11.65
C ARG C 47 -21.62 -23.02 12.95
N GLU C 48 -20.66 -23.34 13.80
CA GLU C 48 -20.94 -23.89 15.12
C GLU C 48 -21.72 -22.87 15.95
N THR C 49 -21.14 -21.69 16.14
CA THR C 49 -21.70 -20.67 17.02
C THR C 49 -23.12 -20.24 16.62
N PHE C 50 -23.37 -20.15 15.32
CA PHE C 50 -24.70 -19.72 14.86
C PHE C 50 -25.74 -20.85 14.82
N ARG C 51 -25.33 -22.07 14.47
CA ARG C 51 -26.18 -23.24 14.61
C ARG C 51 -26.64 -23.40 16.06
N ASN C 52 -25.69 -23.27 16.98
CA ASN C 52 -25.97 -23.27 18.42
C ASN C 52 -26.76 -22.07 18.90
N LEU C 53 -26.84 -21.04 18.07
CA LEU C 53 -27.67 -19.88 18.34
C LEU C 53 -29.04 -20.05 17.70
N LYS C 54 -29.25 -21.22 17.10
CA LYS C 54 -30.51 -21.57 16.44
C LYS C 54 -30.74 -20.82 15.14
N TYR C 55 -29.74 -20.78 14.27
CA TYR C 55 -29.88 -20.15 12.96
C TYR C 55 -29.81 -21.20 11.87
N GLU C 56 -30.50 -20.95 10.77
CA GLU C 56 -30.39 -21.82 9.61
C GLU C 56 -29.12 -21.41 8.85
N VAL C 57 -28.00 -22.05 9.18
CA VAL C 57 -26.70 -21.67 8.64
C VAL C 57 -26.44 -22.25 7.26
N ARG C 58 -26.14 -21.37 6.29
CA ARG C 58 -25.80 -21.80 4.93
C ARG C 58 -24.40 -21.33 4.52
N ASN C 59 -23.44 -22.24 4.56
CA ASN C 59 -22.05 -21.98 4.16
C ASN C 59 -21.89 -21.96 2.65
N LYS C 60 -21.04 -21.07 2.16
CA LYS C 60 -20.78 -20.95 0.72
C LYS C 60 -19.31 -20.58 0.42
N ASN C 61 -18.53 -21.56 -0.04
CA ASN C 61 -17.12 -21.36 -0.37
C ASN C 61 -16.83 -20.86 -1.79
N ASP C 62 -15.83 -20.00 -1.91
CA ASP C 62 -15.23 -19.59 -3.18
C ASP C 62 -16.20 -19.04 -4.22
N LEU C 63 -17.00 -18.04 -3.84
CA LEU C 63 -17.93 -17.41 -4.78
C LEU C 63 -17.29 -16.28 -5.59
N THR C 64 -17.65 -16.20 -6.87
CA THR C 64 -17.20 -15.09 -7.72
C THR C 64 -17.98 -13.82 -7.36
N ARG C 65 -17.56 -12.68 -7.90
CA ARG C 65 -18.29 -11.43 -7.74
C ARG C 65 -19.74 -11.59 -8.23
N GLU C 66 -19.91 -12.20 -9.40
CA GLU C 66 -21.23 -12.54 -9.94
C GLU C 66 -22.06 -13.42 -9.01
N GLU C 67 -21.46 -14.45 -8.44
CA GLU C 67 -22.18 -15.39 -7.59
C GLU C 67 -22.55 -14.82 -6.23
N ILE C 68 -21.79 -13.84 -5.75
CA ILE C 68 -22.14 -13.22 -4.47
C ILE C 68 -23.42 -12.41 -4.68
N VAL C 69 -23.43 -11.57 -5.72
CA VAL C 69 -24.58 -10.72 -6.05
C VAL C 69 -25.84 -11.57 -6.29
N GLU C 70 -25.73 -12.49 -7.24
CA GLU C 70 -26.73 -13.51 -7.54
C GLU C 70 -27.35 -14.15 -6.26
N LEU C 71 -26.51 -14.49 -5.29
CA LEU C 71 -26.94 -15.22 -4.10
C LEU C 71 -27.71 -14.35 -3.11
N MET C 72 -27.27 -13.10 -2.95
CA MET C 72 -27.92 -12.16 -2.04
C MET C 72 -29.30 -11.80 -2.57
N ARG C 73 -29.36 -11.53 -3.89
CA ARG C 73 -30.60 -11.37 -4.65
C ARG C 73 -31.62 -12.47 -4.33
N ASP C 74 -31.17 -13.73 -4.41
CA ASP C 74 -32.01 -14.90 -4.13
C ASP C 74 -32.49 -15.00 -2.68
N VAL C 75 -31.58 -14.74 -1.75
CA VAL C 75 -31.83 -14.84 -0.31
C VAL C 75 -32.83 -13.77 0.12
N SER C 76 -32.70 -12.58 -0.46
CA SER C 76 -33.59 -11.47 -0.20
C SER C 76 -34.99 -11.72 -0.75
N LYS C 77 -35.06 -12.26 -1.98
CA LYS C 77 -36.34 -12.57 -2.60
C LYS C 77 -37.08 -13.70 -1.88
N GLU C 78 -36.44 -14.29 -0.87
CA GLU C 78 -37.05 -15.31 -0.03
C GLU C 78 -38.05 -14.71 0.96
N ASP C 79 -38.79 -15.56 1.65
CA ASP C 79 -39.81 -15.10 2.59
C ASP C 79 -39.37 -15.19 4.05
N HIS C 80 -39.03 -14.04 4.61
CA HIS C 80 -38.52 -13.98 5.97
C HIS C 80 -39.57 -13.56 6.99
N SER C 81 -40.83 -13.51 6.55
CA SER C 81 -41.94 -13.05 7.41
C SER C 81 -42.01 -13.80 8.73
N LYS C 82 -41.64 -15.08 8.71
CA LYS C 82 -41.60 -15.91 9.91
C LYS C 82 -40.21 -16.00 10.59
N ARG C 83 -39.28 -15.14 10.18
CA ARG C 83 -37.90 -15.14 10.70
C ARG C 83 -37.55 -13.89 11.51
N SER C 84 -37.04 -14.09 12.73
CA SER C 84 -36.67 -13.02 13.66
C SER C 84 -35.60 -12.06 13.14
N SER C 85 -34.69 -12.56 12.30
CA SER C 85 -33.55 -11.75 11.82
C SER C 85 -32.83 -12.33 10.62
N PHE C 86 -31.82 -11.61 10.14
CA PHE C 86 -30.94 -12.09 9.07
C PHE C 86 -29.47 -11.79 9.40
N VAL C 87 -28.61 -12.77 9.16
CA VAL C 87 -27.17 -12.60 9.41
C VAL C 87 -26.37 -12.96 8.16
N CYS C 88 -25.57 -12.02 7.68
CA CYS C 88 -24.61 -12.29 6.61
C CYS C 88 -23.17 -12.14 7.12
N VAL C 89 -22.37 -13.19 6.92
CA VAL C 89 -20.96 -13.14 7.26
C VAL C 89 -20.12 -13.19 5.99
N LEU C 90 -19.16 -12.28 5.88
CA LEU C 90 -18.25 -12.27 4.73
C LEU C 90 -16.80 -12.46 5.16
N LEU C 91 -16.14 -13.47 4.59
CA LEU C 91 -14.75 -13.76 4.92
C LEU C 91 -13.96 -13.69 3.64
N SER C 92 -13.15 -12.64 3.48
CA SER C 92 -12.44 -12.45 2.22
C SER C 92 -11.36 -11.37 2.27
N HIS C 93 -10.65 -11.19 1.15
CA HIS C 93 -9.84 -9.99 0.99
C HIS C 93 -10.80 -8.81 0.89
N GLY C 94 -10.35 -7.61 1.21
CA GLY C 94 -11.18 -6.43 1.09
C GLY C 94 -10.43 -5.12 0.96
N GLU C 95 -11.20 -4.06 0.71
CA GLU C 95 -10.70 -2.68 0.70
C GLU C 95 -11.81 -1.87 1.32
N GLU C 96 -11.56 -0.60 1.66
CA GLU C 96 -12.61 0.24 2.22
C GLU C 96 -13.87 0.10 1.38
N GLY C 97 -14.92 -0.42 2.00
CA GLY C 97 -16.22 -0.52 1.36
C GLY C 97 -16.35 -1.59 0.28
N ILE C 98 -15.36 -2.48 0.19
CA ILE C 98 -15.34 -3.54 -0.80
C ILE C 98 -14.95 -4.91 -0.23
N ILE C 99 -15.70 -5.95 -0.58
CA ILE C 99 -15.20 -7.30 -0.40
C ILE C 99 -14.94 -8.01 -1.73
N PHE C 100 -13.96 -8.90 -1.76
CA PHE C 100 -13.68 -9.60 -3.00
C PHE C 100 -14.47 -10.88 -3.22
N GLY C 101 -14.95 -11.01 -4.45
CA GLY C 101 -15.33 -12.29 -5.02
C GLY C 101 -14.04 -12.90 -5.52
N THR C 102 -14.04 -14.21 -5.71
CA THR C 102 -12.80 -14.91 -6.07
C THR C 102 -12.16 -14.35 -7.33
N ASN C 103 -12.97 -13.69 -8.15
CA ASN C 103 -12.52 -13.13 -9.42
C ASN C 103 -12.54 -11.60 -9.51
N GLY C 104 -13.01 -10.91 -8.47
CA GLY C 104 -13.00 -9.46 -8.45
C GLY C 104 -13.76 -8.80 -7.31
N PRO C 105 -13.60 -7.49 -7.18
CA PRO C 105 -14.20 -6.71 -6.08
C PRO C 105 -15.70 -6.52 -6.17
N VAL C 106 -16.38 -6.53 -5.02
CA VAL C 106 -17.80 -6.21 -4.93
C VAL C 106 -18.02 -5.10 -3.89
N ASP C 107 -18.78 -4.06 -4.26
CA ASP C 107 -19.13 -2.99 -3.33
C ASP C 107 -20.08 -3.54 -2.29
N LEU C 108 -19.73 -3.38 -1.02
CA LEU C 108 -20.59 -3.86 0.05
C LEU C 108 -21.98 -3.25 -0.03
N LYS C 109 -22.04 -2.01 -0.50
CA LYS C 109 -23.32 -1.31 -0.62
C LYS C 109 -24.27 -2.08 -1.54
N LYS C 110 -23.74 -2.57 -2.66
CA LYS C 110 -24.51 -3.38 -3.59
C LYS C 110 -25.10 -4.61 -2.91
N ILE C 111 -24.32 -5.31 -2.10
CA ILE C 111 -24.85 -6.52 -1.48
C ILE C 111 -25.87 -6.23 -0.34
N THR C 112 -25.67 -5.16 0.43
CA THR C 112 -26.60 -4.83 1.53
C THR C 112 -27.89 -4.20 1.00
N ASN C 113 -27.78 -3.39 -0.05
CA ASN C 113 -28.95 -2.80 -0.68
C ASN C 113 -30.11 -3.79 -0.88
N PHE C 114 -29.79 -5.02 -1.30
CA PHE C 114 -30.79 -6.06 -1.51
C PHE C 114 -31.72 -6.27 -0.29
N PHE C 115 -31.29 -5.76 0.86
CA PHE C 115 -32.02 -5.99 2.11
C PHE C 115 -32.59 -4.69 2.71
N ARG C 116 -32.36 -3.56 2.05
CA ARG C 116 -32.81 -2.27 2.57
C ARG C 116 -34.31 -2.10 2.46
N GLY C 117 -34.95 -1.85 3.61
CA GLY C 117 -36.37 -1.53 3.75
C GLY C 117 -37.36 -1.86 2.63
N ASP C 118 -37.20 -1.17 1.50
CA ASP C 118 -38.09 -1.33 0.35
C ASP C 118 -37.88 -2.66 -0.42
N ARG C 119 -36.62 -3.00 -0.68
CA ARG C 119 -36.28 -4.17 -1.52
C ARG C 119 -36.39 -5.53 -0.83
N CYS C 120 -36.89 -5.54 0.41
CA CYS C 120 -37.05 -6.78 1.17
C CYS C 120 -38.03 -6.55 2.33
N ARG C 121 -39.31 -6.70 2.04
CA ARG C 121 -40.38 -6.35 2.96
C ARG C 121 -40.50 -7.30 4.14
N SER C 122 -40.15 -8.57 3.92
CA SER C 122 -40.26 -9.58 4.97
C SER C 122 -39.21 -9.43 6.07
N LEU C 123 -38.31 -8.46 5.90
CA LEU C 123 -37.26 -8.17 6.88
C LEU C 123 -37.39 -6.78 7.50
N THR C 124 -38.29 -5.96 6.94
CA THR C 124 -38.58 -4.63 7.45
C THR C 124 -38.87 -4.68 8.95
N GLY C 125 -38.21 -3.82 9.72
CA GLY C 125 -38.35 -3.80 11.16
C GLY C 125 -37.55 -4.85 11.92
N LYS C 126 -36.96 -5.79 11.19
CA LYS C 126 -36.13 -6.85 11.79
C LYS C 126 -34.61 -6.57 11.63
N PRO C 127 -33.83 -7.05 12.58
CA PRO C 127 -32.37 -6.80 12.58
C PRO C 127 -31.63 -7.50 11.41
N LYS C 128 -30.86 -6.70 10.68
CA LYS C 128 -30.07 -7.15 9.54
C LYS C 128 -28.58 -7.06 9.87
N LEU C 129 -27.96 -8.16 10.29
CA LEU C 129 -26.57 -8.10 10.76
C LEU C 129 -25.55 -8.54 9.74
N PHE C 130 -24.49 -7.73 9.61
CA PHE C 130 -23.43 -8.01 8.66
C PHE C 130 -22.07 -8.06 9.33
N ILE C 131 -21.48 -9.26 9.36
CA ILE C 131 -20.16 -9.49 9.95
C ILE C 131 -19.16 -9.47 8.80
N ILE C 132 -18.32 -8.46 8.76
CA ILE C 132 -17.34 -8.34 7.69
C ILE C 132 -15.94 -8.61 8.23
N GLN C 133 -15.36 -9.72 7.81
CA GLN C 133 -13.98 -10.08 8.14
C GLN C 133 -13.15 -9.89 6.89
N ALA C 134 -12.65 -8.67 6.72
CA ALA C 134 -11.89 -8.29 5.53
C ALA C 134 -11.15 -6.99 5.76
N ARG C 136 -9.74 -3.29 5.27
CA ARG C 136 -10.40 -2.04 4.94
C ARG C 136 -9.36 -1.02 4.47
N GLY C 137 -8.28 -1.51 3.87
CA GLY C 137 -7.11 -0.72 3.57
C GLY C 137 -5.87 -1.48 4.02
N THR C 138 -4.72 -0.80 4.02
CA THR C 138 -3.43 -1.46 4.27
C THR C 138 -2.73 -0.92 5.52
N GLU C 139 -3.33 0.10 6.15
CA GLU C 139 -2.67 0.72 7.32
C GLU C 139 -2.57 -0.27 8.46
N LEU C 140 -1.46 -0.20 9.19
CA LEU C 140 -1.19 -1.02 10.35
C LEU C 140 -1.26 -0.13 11.60
N ASP C 141 -1.91 -0.61 12.66
CA ASP C 141 -2.03 0.16 13.91
C ASP C 141 -0.84 -0.14 14.84
N CYS C 142 0.03 0.86 15.02
CA CYS C 142 1.20 0.71 15.91
C CYS C 142 0.85 0.42 17.36
N GLY C 143 -0.29 0.91 17.81
CA GLY C 143 -0.65 0.79 19.20
C GLY C 143 0.13 1.73 20.11
N ILE C 144 -0.32 1.82 21.35
CA ILE C 144 0.30 2.64 22.39
C ILE C 144 0.31 1.84 23.70
N GLU C 145 1.36 2.03 24.50
CA GLU C 145 1.45 1.40 25.82
C GLU C 145 0.42 2.00 26.79
N THR C 146 0.03 1.22 27.80
CA THR C 146 -1.01 1.65 28.75
C THR C 146 -0.52 2.66 29.78
N LYS C 158 -43.89 4.88 9.39
CA LYS C 158 -42.86 4.83 8.35
C LYS C 158 -41.46 4.99 8.95
N ILE C 159 -40.50 4.22 8.42
CA ILE C 159 -39.10 4.26 8.88
C ILE C 159 -38.11 4.44 7.71
N PRO C 160 -36.85 4.81 8.00
CA PRO C 160 -35.85 4.91 6.93
C PRO C 160 -35.53 3.52 6.42
N VAL C 161 -35.16 3.41 5.14
CA VAL C 161 -34.88 2.11 4.54
C VAL C 161 -33.54 1.56 5.04
N ASP C 162 -32.66 2.47 5.47
CA ASP C 162 -31.33 2.13 5.92
C ASP C 162 -31.28 1.86 7.43
N ALA C 163 -32.43 1.49 7.99
CA ALA C 163 -32.57 1.26 9.42
C ALA C 163 -32.61 -0.22 9.79
N ASP C 164 -32.27 -0.53 11.03
CA ASP C 164 -32.16 -1.90 11.53
C ASP C 164 -31.04 -2.70 10.84
N PHE C 165 -30.04 -1.97 10.35
CA PHE C 165 -28.82 -2.57 9.81
C PHE C 165 -27.75 -2.49 10.86
N LEU C 166 -26.97 -3.55 11.00
CA LEU C 166 -25.76 -3.48 11.81
C LEU C 166 -24.57 -4.06 11.06
N TYR C 167 -23.46 -3.33 11.09
CA TYR C 167 -22.23 -3.78 10.46
C TYR C 167 -21.16 -4.00 11.54
N ALA C 168 -20.84 -5.27 11.79
CA ALA C 168 -19.72 -5.63 12.66
C ALA C 168 -18.51 -5.79 11.76
N TYR C 169 -17.73 -4.71 11.65
CA TYR C 169 -16.48 -4.69 10.91
C TYR C 169 -15.34 -5.27 11.74
N SER C 170 -14.44 -5.99 11.09
CA SER C 170 -13.29 -6.57 11.79
C SER C 170 -12.18 -5.57 12.12
N THR C 171 -12.14 -4.43 11.41
CA THR C 171 -11.16 -3.36 11.68
C THR C 171 -11.75 -1.99 11.43
N ALA C 172 -11.00 -0.98 11.87
CA ALA C 172 -11.33 0.42 11.65
C ALA C 172 -11.12 0.75 10.17
N PRO C 173 -11.81 1.80 9.70
CA PRO C 173 -11.67 2.25 8.30
C PRO C 173 -10.23 2.48 7.92
N GLY C 174 -9.83 2.04 6.73
CA GLY C 174 -8.46 2.23 6.26
C GLY C 174 -7.45 1.21 6.77
N TYR C 175 -7.85 0.29 7.64
CA TYR C 175 -6.88 -0.62 8.30
C TYR C 175 -6.88 -2.06 7.85
N TYR C 176 -5.70 -2.66 7.87
CA TYR C 176 -5.53 -4.09 7.66
C TYR C 176 -6.27 -4.93 8.72
N SER C 177 -6.64 -6.17 8.37
CA SER C 177 -7.34 -7.06 9.30
C SER C 177 -6.52 -8.33 9.55
N TRP C 178 -6.04 -8.49 10.79
CA TRP C 178 -5.15 -9.61 11.09
C TRP C 178 -5.83 -10.98 11.23
N ARG C 179 -5.22 -11.99 10.59
CA ARG C 179 -5.65 -13.38 10.71
C ARG C 179 -4.52 -14.29 11.18
N ASN C 180 -4.88 -15.35 11.89
CA ASN C 180 -3.92 -16.39 12.29
C ASN C 180 -4.33 -17.61 11.52
N SER C 181 -3.52 -18.00 10.55
CA SER C 181 -3.83 -19.10 9.64
C SER C 181 -4.22 -20.38 10.37
N LYS C 182 -3.61 -20.65 11.51
CA LYS C 182 -3.95 -21.85 12.26
C LYS C 182 -5.16 -21.66 13.17
N ASP C 183 -5.20 -20.57 13.92
CA ASP C 183 -6.18 -20.41 15.01
C ASP C 183 -7.43 -19.61 14.64
N GLY C 184 -7.38 -18.90 13.52
CA GLY C 184 -8.51 -18.11 13.04
C GLY C 184 -8.21 -16.62 13.04
N SER C 185 -9.01 -15.84 12.31
CA SER C 185 -8.84 -14.39 12.36
C SER C 185 -9.06 -13.90 13.79
N TRP C 186 -8.43 -12.78 14.12
CA TRP C 186 -8.54 -12.21 15.46
C TRP C 186 -10.00 -11.90 15.75
N PHE C 187 -10.65 -11.25 14.79
CA PHE C 187 -12.03 -10.82 14.98
C PHE C 187 -13.00 -11.96 15.13
N ILE C 188 -13.05 -12.85 14.13
CA ILE C 188 -14.00 -13.97 14.17
C ILE C 188 -13.80 -14.87 15.38
N GLN C 189 -12.54 -15.01 15.78
CA GLN C 189 -12.19 -15.79 16.96
C GLN C 189 -12.72 -15.14 18.25
N SER C 190 -12.65 -13.82 18.31
CA SER C 190 -13.17 -13.08 19.44
C SER C 190 -14.70 -12.97 19.40
N LEU C 191 -15.27 -12.82 18.21
CA LEU C 191 -16.74 -12.80 18.09
C LEU C 191 -17.35 -14.09 18.60
N CYS C 192 -16.79 -15.22 18.16
CA CYS C 192 -17.37 -16.51 18.52
C CYS C 192 -17.19 -16.81 20.01
N ALA C 193 -16.04 -16.45 20.57
CA ALA C 193 -15.77 -16.64 21.99
C ALA C 193 -16.78 -15.85 22.81
N MET C 194 -16.91 -14.56 22.49
CA MET C 194 -17.77 -13.70 23.27
C MET C 194 -19.26 -13.99 23.10
N LEU C 195 -19.66 -14.49 21.93
CA LEU C 195 -21.04 -14.91 21.70
C LEU C 195 -21.36 -16.15 22.53
N LYS C 196 -20.53 -17.19 22.41
CA LYS C 196 -20.67 -18.40 23.21
C LYS C 196 -20.86 -18.09 24.71
N GLN C 197 -20.02 -17.20 25.23
CA GLN C 197 -20.01 -16.85 26.65
C GLN C 197 -21.08 -15.82 27.10
N TYR C 198 -21.83 -15.23 26.16
CA TYR C 198 -22.70 -14.11 26.54
C TYR C 198 -24.02 -14.00 25.79
N ALA C 199 -24.22 -14.86 24.80
CA ALA C 199 -25.41 -14.82 23.95
C ALA C 199 -26.71 -14.88 24.75
N ASP C 200 -26.64 -15.48 25.93
CA ASP C 200 -27.79 -15.64 26.81
C ASP C 200 -27.78 -14.65 27.97
N LYS C 201 -26.73 -13.83 28.05
CA LYS C 201 -26.58 -12.88 29.14
C LYS C 201 -26.79 -11.45 28.69
N LEU C 202 -25.99 -11.01 27.71
CA LEU C 202 -25.92 -9.59 27.33
C LEU C 202 -26.62 -9.21 26.04
N GLU C 203 -26.80 -7.90 25.84
CA GLU C 203 -27.31 -7.34 24.59
C GLU C 203 -26.21 -7.39 23.54
N PHE C 204 -26.61 -7.59 22.28
CA PHE C 204 -25.68 -7.72 21.15
C PHE C 204 -24.58 -6.65 21.05
N MET C 205 -24.92 -5.39 21.32
CA MET C 205 -23.93 -4.31 21.25
C MET C 205 -22.91 -4.41 22.36
N HIS C 206 -23.33 -4.95 23.49
CA HIS C 206 -22.44 -5.14 24.61
C HIS C 206 -21.55 -6.36 24.39
N ILE C 207 -22.03 -7.32 23.59
CA ILE C 207 -21.23 -8.45 23.13
C ILE C 207 -20.12 -7.89 22.23
N LEU C 208 -20.52 -7.07 21.26
CA LEU C 208 -19.58 -6.48 20.31
C LEU C 208 -18.54 -5.58 21.00
N THR C 209 -18.92 -4.98 22.12
CA THR C 209 -18.02 -4.14 22.89
C THR C 209 -17.02 -5.01 23.62
N ARG C 210 -17.45 -6.19 24.06
CA ARG C 210 -16.52 -7.15 24.66
C ARG C 210 -15.55 -7.70 23.63
N VAL C 211 -16.08 -7.98 22.44
CA VAL C 211 -15.29 -8.43 21.30
C VAL C 211 -14.21 -7.39 21.00
N ASN C 212 -14.63 -6.14 20.92
CA ASN C 212 -13.71 -5.03 20.71
C ASN C 212 -12.56 -5.03 21.72
N ARG C 213 -12.88 -5.21 23.01
CA ARG C 213 -11.88 -5.24 24.07
C ARG C 213 -10.96 -6.42 23.92
N LYS C 214 -11.52 -7.58 23.60
CA LYS C 214 -10.73 -8.79 23.50
C LYS C 214 -9.73 -8.72 22.33
N VAL C 215 -10.13 -8.08 21.23
CA VAL C 215 -9.26 -7.99 20.07
C VAL C 215 -8.19 -6.95 20.36
N ALA C 216 -8.61 -5.90 21.05
CA ALA C 216 -7.71 -4.81 21.33
C ALA C 216 -6.65 -5.16 22.39
N THR C 217 -6.97 -6.04 23.33
CA THR C 217 -6.09 -6.25 24.47
C THR C 217 -5.31 -7.53 24.42
N GLU C 218 -5.90 -8.58 23.85
CA GLU C 218 -5.28 -9.91 23.86
C GLU C 218 -4.46 -10.25 22.61
N PHE C 219 -4.55 -9.40 21.58
CA PHE C 219 -3.92 -9.71 20.31
C PHE C 219 -2.87 -8.69 19.92
N GLU C 220 -1.77 -9.19 19.38
CA GLU C 220 -0.65 -8.39 18.93
C GLU C 220 0.16 -9.18 17.90
N SER C 221 0.58 -8.53 16.82
CA SER C 221 1.30 -9.23 15.75
C SER C 221 2.70 -9.65 16.16
N PHE C 222 3.16 -10.75 15.58
CA PHE C 222 4.53 -11.16 15.75
C PHE C 222 5.24 -11.19 14.42
N SER C 223 6.44 -10.62 14.35
CA SER C 223 7.25 -10.76 13.15
C SER C 223 8.73 -10.56 13.41
N PHE C 224 9.56 -11.30 12.67
CA PHE C 224 11.00 -11.10 12.72
C PHE C 224 11.38 -9.80 12.03
N ASP C 225 10.43 -9.29 11.23
CA ASP C 225 10.59 -8.03 10.57
C ASP C 225 9.78 -7.01 11.32
N ALA C 226 10.49 -5.97 11.76
CA ALA C 226 9.91 -4.86 12.53
C ALA C 226 8.64 -4.31 11.88
N THR C 227 8.60 -4.26 10.56
CA THR C 227 7.47 -3.69 9.85
C THR C 227 6.11 -4.27 10.29
N PHE C 228 6.09 -5.57 10.63
CA PHE C 228 4.86 -6.35 10.87
C PHE C 228 4.77 -6.83 12.31
N HIS C 229 5.62 -6.26 13.16
CA HIS C 229 5.73 -6.70 14.53
C HIS C 229 5.02 -5.76 15.52
N ALA C 230 4.36 -6.37 16.50
CA ALA C 230 3.66 -5.67 17.57
C ALA C 230 2.55 -4.74 17.10
N LYS C 231 1.82 -5.15 16.05
CA LYS C 231 0.69 -4.38 15.54
C LYS C 231 -0.60 -4.74 16.27
N LYS C 232 -1.50 -3.78 16.35
CA LYS C 232 -2.72 -3.93 17.12
C LYS C 232 -3.94 -3.69 16.25
N GLN C 233 -5.12 -4.04 16.76
CA GLN C 233 -6.34 -3.96 15.97
C GLN C 233 -7.59 -3.71 16.82
N ILE C 234 -8.40 -2.77 16.35
CA ILE C 234 -9.69 -2.52 16.96
C ILE C 234 -10.76 -2.83 15.91
N PRO C 235 -11.73 -3.69 16.24
CA PRO C 235 -12.88 -3.85 15.35
C PRO C 235 -13.68 -2.55 15.38
N CYS C 236 -14.65 -2.43 14.50
CA CYS C 236 -15.41 -1.20 14.37
C CYS C 236 -16.91 -1.52 14.25
N ILE C 237 -17.68 -1.13 15.27
CA ILE C 237 -19.12 -1.37 15.29
C ILE C 237 -19.87 -0.22 14.62
N VAL C 238 -20.66 -0.55 13.60
CA VAL C 238 -21.47 0.44 12.91
C VAL C 238 -22.95 0.05 13.04
N SER C 239 -23.68 0.82 13.85
CA SER C 239 -25.08 0.49 14.16
C SER C 239 -26.12 1.50 13.71
N MET C 240 -27.08 1.01 12.93
CA MET C 240 -28.26 1.79 12.59
C MET C 240 -29.49 1.02 13.08
N LEU C 241 -29.27 0.16 14.09
CA LEU C 241 -30.36 -0.49 14.83
C LEU C 241 -31.17 0.53 15.63
N THR C 242 -32.44 0.23 15.84
CA THR C 242 -33.33 1.12 16.60
C THR C 242 -33.74 0.45 17.90
N LYS C 243 -33.38 -0.81 18.07
CA LYS C 243 -33.76 -1.57 19.26
C LYS C 243 -32.61 -2.42 19.82
N GLU C 244 -32.71 -2.74 21.11
CA GLU C 244 -31.78 -3.65 21.76
C GLU C 244 -31.97 -5.08 21.23
N LEU C 245 -30.87 -5.74 20.89
CA LEU C 245 -30.94 -7.10 20.37
C LEU C 245 -30.42 -8.11 21.39
N TYR C 246 -31.30 -9.00 21.79
CA TYR C 246 -30.96 -10.10 22.68
C TYR C 246 -31.22 -11.40 21.95
N PHE C 247 -30.29 -12.34 22.08
CA PHE C 247 -30.41 -13.61 21.38
C PHE C 247 -31.22 -14.62 22.18
N TYR C 248 -31.68 -14.20 23.36
CA TYR C 248 -32.55 -15.00 24.21
C TYR C 248 -33.92 -14.31 24.37
N HIS C 249 -34.34 -14.03 25.62
CA HIS C 249 -35.59 -13.35 25.96
C HIS C 249 -36.85 -14.15 25.64
N ASP D 6 -15.01 -5.26 35.66
CA ASP D 6 -14.43 -4.07 34.93
C ASP D 6 -14.73 -4.09 33.43
N ASN D 7 -16.01 -4.12 33.10
CA ASN D 7 -16.44 -4.11 31.71
C ASN D 7 -16.95 -2.72 31.30
N SER D 8 -16.61 -1.72 32.10
CA SER D 8 -17.02 -0.35 31.81
C SER D 8 -15.97 0.70 32.13
N TYR D 9 -16.05 1.84 31.43
CA TYR D 9 -15.11 2.94 31.61
C TYR D 9 -15.19 3.60 32.99
N LYS D 10 -14.02 3.97 33.51
CA LYS D 10 -13.90 4.65 34.79
C LYS D 10 -14.42 6.06 34.66
N MET D 11 -15.56 6.32 35.28
CA MET D 11 -16.26 7.61 35.18
C MET D 11 -16.19 8.47 36.45
N ASP D 12 -15.25 8.16 37.34
CA ASP D 12 -15.16 8.83 38.63
C ASP D 12 -13.82 9.56 38.85
N TYR D 13 -13.28 10.17 37.79
CA TYR D 13 -12.12 11.06 37.91
C TYR D 13 -12.58 12.38 38.53
N PRO D 14 -11.68 13.26 38.96
CA PRO D 14 -12.09 14.58 39.45
C PRO D 14 -13.11 15.24 38.50
N GLU D 15 -12.68 15.59 37.28
CA GLU D 15 -13.57 16.16 36.26
C GLU D 15 -14.21 15.09 35.35
N MET D 16 -15.18 15.52 34.56
CA MET D 16 -15.79 14.65 33.56
C MET D 16 -15.04 14.74 32.23
N GLY D 17 -14.38 15.87 32.01
CA GLY D 17 -13.72 16.15 30.75
C GLY D 17 -14.39 17.31 30.03
N LEU D 18 -13.63 18.04 29.23
CA LEU D 18 -14.21 19.17 28.52
C LEU D 18 -15.04 18.67 27.35
N CYS D 19 -16.07 19.43 26.99
CA CYS D 19 -16.94 19.11 25.87
C CYS D 19 -16.99 20.25 24.85
N ILE D 20 -15.98 20.29 23.98
CA ILE D 20 -15.83 21.33 22.96
C ILE D 20 -16.95 21.27 21.92
N ILE D 21 -17.64 22.40 21.72
CA ILE D 21 -18.71 22.52 20.71
C ILE D 21 -18.30 23.50 19.62
N ILE D 22 -17.91 22.98 18.46
CA ILE D 22 -17.72 23.85 17.30
C ILE D 22 -19.04 24.00 16.57
N ASN D 23 -19.41 25.25 16.30
CA ASN D 23 -20.67 25.56 15.65
C ASN D 23 -20.50 26.64 14.58
N ASN D 24 -20.51 26.21 13.32
CA ASN D 24 -20.41 27.12 12.19
C ASN D 24 -21.80 27.52 11.66
N LYS D 25 -22.03 28.82 11.51
CA LYS D 25 -23.31 29.34 11.04
C LYS D 25 -23.19 30.10 9.72
N ASN D 26 -22.07 30.78 9.52
CA ASN D 26 -21.90 31.64 8.35
C ASN D 26 -20.58 31.43 7.62
N PHE D 27 -20.69 31.03 6.35
CA PHE D 27 -19.51 30.70 5.55
C PHE D 27 -19.29 31.78 4.49
N HIS D 28 -18.02 31.99 4.12
CA HIS D 28 -17.64 33.04 3.17
C HIS D 28 -18.37 32.93 1.84
N LYS D 29 -18.33 34.01 1.05
CA LYS D 29 -18.86 33.99 -0.31
C LYS D 29 -18.03 33.06 -1.20
N SER D 30 -16.76 32.90 -0.83
CA SER D 30 -15.81 32.06 -1.56
C SER D 30 -16.23 30.59 -1.64
N THR D 31 -17.05 30.15 -0.69
CA THR D 31 -17.65 28.81 -0.71
C THR D 31 -19.01 28.81 -1.40
N GLY D 32 -19.74 29.92 -1.26
CA GLY D 32 -21.02 30.10 -1.90
C GLY D 32 -22.16 29.25 -1.34
N MET D 33 -21.88 28.44 -0.32
CA MET D 33 -22.91 27.64 0.32
C MET D 33 -23.67 28.47 1.34
N THR D 34 -24.95 28.14 1.49
CA THR D 34 -25.89 28.88 2.35
C THR D 34 -25.47 28.98 3.81
N SER D 35 -26.23 29.77 4.58
CA SER D 35 -26.03 29.91 6.00
C SER D 35 -26.88 28.91 6.78
N ARG D 36 -26.34 28.44 7.90
CA ARG D 36 -26.97 27.38 8.68
C ARG D 36 -27.84 27.95 9.78
N SER D 37 -29.13 28.12 9.50
CA SER D 37 -30.06 28.63 10.50
C SER D 37 -30.55 27.51 11.41
N GLY D 38 -30.88 27.88 12.66
CA GLY D 38 -31.40 26.93 13.63
C GLY D 38 -30.32 26.12 14.35
N THR D 39 -29.07 26.39 14.01
CA THR D 39 -27.93 25.70 14.61
C THR D 39 -27.58 26.31 15.96
N ASP D 40 -28.00 27.55 16.18
CA ASP D 40 -27.88 28.24 17.46
C ASP D 40 -28.74 27.53 18.50
N VAL D 41 -29.88 27.00 18.06
CA VAL D 41 -30.74 26.20 18.93
C VAL D 41 -29.95 25.00 19.47
N ASP D 42 -29.34 24.24 18.55
CA ASP D 42 -28.58 23.04 18.88
C ASP D 42 -27.37 23.33 19.77
N ALA D 43 -26.54 24.28 19.33
CA ALA D 43 -25.34 24.65 20.10
C ALA D 43 -25.69 25.01 21.55
N ALA D 44 -26.78 25.76 21.73
CA ALA D 44 -27.30 26.08 23.06
C ALA D 44 -27.80 24.82 23.75
N ASN D 45 -28.62 24.04 23.05
CA ASN D 45 -29.25 22.85 23.59
C ASN D 45 -28.22 21.85 24.11
N LEU D 46 -27.22 21.57 23.28
CA LEU D 46 -26.14 20.68 23.66
C LEU D 46 -25.53 21.19 24.95
N ARG D 47 -24.98 22.40 24.84
CA ARG D 47 -24.31 23.09 25.94
C ARG D 47 -24.98 22.81 27.27
N GLU D 48 -26.30 23.01 27.31
CA GLU D 48 -27.08 22.79 28.52
C GLU D 48 -27.06 21.34 28.98
N THR D 49 -27.33 20.42 28.04
CA THR D 49 -27.41 18.99 28.34
C THR D 49 -26.08 18.40 28.80
N PHE D 50 -24.98 18.97 28.32
CA PHE D 50 -23.64 18.50 28.69
C PHE D 50 -23.11 19.16 29.95
N ARG D 51 -23.50 20.41 30.18
CA ARG D 51 -23.24 21.10 31.45
C ARG D 51 -23.95 20.31 32.55
N ASN D 52 -25.13 19.82 32.20
CA ASN D 52 -25.98 18.99 33.05
C ASN D 52 -25.35 17.65 33.44
N LEU D 53 -24.48 17.12 32.57
CA LEU D 53 -23.80 15.86 32.85
C LEU D 53 -22.43 16.14 33.49
N LYS D 54 -22.22 17.40 33.88
CA LYS D 54 -21.02 17.87 34.58
C LYS D 54 -19.75 17.93 33.71
N TYR D 55 -19.93 18.30 32.44
CA TYR D 55 -18.80 18.50 31.54
C TYR D 55 -18.42 19.98 31.51
N GLU D 56 -17.12 20.25 31.38
CA GLU D 56 -16.59 21.61 31.17
C GLU D 56 -16.77 22.00 29.70
N VAL D 57 -17.95 22.54 29.38
CA VAL D 57 -18.30 22.90 28.01
C VAL D 57 -17.61 24.20 27.55
N ARG D 58 -17.27 24.24 26.28
CA ARG D 58 -16.76 25.45 25.65
C ARG D 58 -17.35 25.54 24.26
N ASN D 59 -18.25 26.50 24.04
CA ASN D 59 -18.77 26.74 22.70
C ASN D 59 -17.89 27.71 21.94
N LYS D 60 -17.47 27.29 20.76
CA LYS D 60 -16.82 28.20 19.84
C LYS D 60 -17.76 28.33 18.65
N ASN D 61 -17.79 29.51 18.04
CA ASN D 61 -18.75 29.77 16.98
C ASN D 61 -18.11 30.39 15.74
N ASP D 62 -18.53 29.91 14.57
CA ASP D 62 -18.09 30.39 13.25
C ASP D 62 -16.57 30.46 13.03
N LEU D 63 -15.89 29.32 13.24
CA LEU D 63 -14.43 29.23 13.05
C LEU D 63 -14.03 28.81 11.64
N THR D 64 -12.84 29.25 11.22
CA THR D 64 -12.29 28.86 9.92
C THR D 64 -11.69 27.46 10.01
N ARG D 65 -11.38 26.88 8.85
CA ARG D 65 -10.75 25.55 8.80
C ARG D 65 -9.42 25.51 9.56
N GLU D 66 -8.62 26.56 9.41
CA GLU D 66 -7.34 26.70 10.12
C GLU D 66 -7.55 26.84 11.63
N GLU D 67 -8.63 27.52 12.02
CA GLU D 67 -8.94 27.72 13.43
C GLU D 67 -9.35 26.42 14.11
N ILE D 68 -10.12 25.60 13.39
CA ILE D 68 -10.55 24.28 13.87
C ILE D 68 -9.34 23.38 14.15
N VAL D 69 -8.44 23.31 13.18
CA VAL D 69 -7.20 22.56 13.35
C VAL D 69 -6.39 23.12 14.53
N GLU D 70 -6.35 24.45 14.65
CA GLU D 70 -5.62 25.09 15.75
C GLU D 70 -6.26 24.75 17.10
N LEU D 71 -7.58 24.89 17.18
CA LEU D 71 -8.35 24.55 18.39
C LEU D 71 -8.07 23.11 18.82
N MET D 72 -8.41 22.16 17.93
CA MET D 72 -8.25 20.73 18.21
C MET D 72 -6.81 20.39 18.57
N ARG D 73 -5.85 20.82 17.74
CA ARG D 73 -4.42 20.68 18.03
C ARG D 73 -4.08 21.09 19.47
N ASP D 74 -4.69 22.20 19.91
CA ASP D 74 -4.42 22.74 21.24
C ASP D 74 -5.19 22.02 22.36
N VAL D 75 -6.45 21.66 22.09
CA VAL D 75 -7.28 20.93 23.06
C VAL D 75 -6.70 19.54 23.33
N SER D 76 -5.99 18.99 22.35
CA SER D 76 -5.30 17.73 22.49
C SER D 76 -3.98 17.93 23.22
N LYS D 77 -3.45 19.15 23.17
CA LYS D 77 -2.19 19.49 23.80
C LYS D 77 -2.30 19.65 25.32
N GLU D 78 -3.52 19.90 25.79
CA GLU D 78 -3.82 20.08 27.22
C GLU D 78 -3.60 18.79 28.03
N ASP D 79 -3.83 18.85 29.34
CA ASP D 79 -3.62 17.70 30.23
C ASP D 79 -4.92 17.16 30.82
N HIS D 80 -5.32 15.99 30.33
CA HIS D 80 -6.63 15.41 30.66
C HIS D 80 -6.53 14.35 31.77
N SER D 81 -5.37 14.28 32.43
CA SER D 81 -5.16 13.30 33.51
C SER D 81 -6.27 13.32 34.56
N LYS D 82 -6.80 14.52 34.82
CA LYS D 82 -7.83 14.71 35.84
C LYS D 82 -9.23 14.48 35.27
N ARG D 83 -9.31 14.36 33.95
CA ARG D 83 -10.58 14.25 33.23
C ARG D 83 -10.89 12.80 32.85
N SER D 84 -12.16 12.44 32.99
CA SER D 84 -12.62 11.07 32.76
C SER D 84 -12.78 10.72 31.27
N SER D 85 -12.94 11.74 30.43
CA SER D 85 -13.20 11.54 29.00
C SER D 85 -13.08 12.83 28.20
N PHE D 86 -13.59 12.81 26.97
CA PHE D 86 -13.57 13.95 26.06
C PHE D 86 -14.73 13.87 25.07
N VAL D 87 -15.38 15.02 24.84
CA VAL D 87 -16.50 15.11 23.91
C VAL D 87 -16.30 16.27 22.95
N CYS D 88 -16.33 15.98 21.66
CA CYS D 88 -16.23 17.02 20.65
C CYS D 88 -17.44 16.97 19.72
N VAL D 89 -18.17 18.07 19.66
CA VAL D 89 -19.36 18.13 18.83
C VAL D 89 -19.16 19.08 17.66
N LEU D 90 -19.44 18.57 16.47
CA LEU D 90 -19.32 19.36 15.24
C LEU D 90 -20.71 19.58 14.65
N LEU D 91 -21.07 20.85 14.51
CA LEU D 91 -22.33 21.24 13.88
C LEU D 91 -21.96 22.07 12.69
N SER D 92 -22.21 21.56 11.48
CA SER D 92 -21.83 22.27 10.26
C SER D 92 -22.35 21.63 8.99
N HIS D 93 -21.79 22.08 7.87
CA HIS D 93 -22.07 21.52 6.55
C HIS D 93 -20.97 20.52 6.20
N GLY D 94 -21.35 19.38 5.66
CA GLY D 94 -20.36 18.37 5.35
C GLY D 94 -20.68 17.43 4.22
N GLU D 95 -19.64 16.76 3.76
CA GLU D 95 -19.75 15.63 2.85
C GLU D 95 -19.22 14.40 3.61
N GLU D 96 -19.08 13.27 2.92
CA GLU D 96 -18.57 12.05 3.54
C GLU D 96 -17.12 12.22 3.99
N GLY D 97 -16.89 12.06 5.27
CA GLY D 97 -15.58 12.24 5.84
C GLY D 97 -15.11 13.68 6.07
N ILE D 98 -15.95 14.66 5.74
CA ILE D 98 -15.56 16.07 5.93
C ILE D 98 -16.63 16.94 6.58
N ILE D 99 -16.20 17.83 7.47
CA ILE D 99 -17.02 18.98 7.90
C ILE D 99 -16.42 20.25 7.32
N PHE D 100 -17.25 21.26 7.13
CA PHE D 100 -16.79 22.53 6.60
C PHE D 100 -16.47 23.55 7.68
N GLY D 101 -15.30 24.16 7.57
CA GLY D 101 -14.96 25.37 8.30
C GLY D 101 -15.63 26.52 7.58
N THR D 102 -15.45 27.74 8.08
CA THR D 102 -16.12 28.89 7.45
C THR D 102 -15.53 29.24 6.08
N ASN D 103 -14.23 28.99 5.90
CA ASN D 103 -13.57 29.26 4.62
C ASN D 103 -13.47 28.03 3.71
N GLY D 104 -12.97 26.92 4.24
CA GLY D 104 -12.78 25.70 3.45
C GLY D 104 -13.13 24.40 4.16
N PRO D 105 -12.76 23.27 3.56
CA PRO D 105 -13.06 21.96 4.13
C PRO D 105 -12.01 21.47 5.12
N VAL D 106 -12.45 20.62 6.05
CA VAL D 106 -11.56 19.92 6.97
C VAL D 106 -11.89 18.44 6.93
N ASP D 107 -10.86 17.59 6.86
CA ASP D 107 -11.02 16.15 7.00
C ASP D 107 -11.31 15.77 8.46
N LEU D 108 -12.47 15.16 8.72
CA LEU D 108 -12.80 14.69 10.06
C LEU D 108 -11.60 13.97 10.65
N LYS D 109 -11.00 13.13 9.81
CA LYS D 109 -9.84 12.33 10.13
C LYS D 109 -8.69 13.20 10.68
N LYS D 110 -8.53 14.40 10.15
CA LYS D 110 -7.48 15.32 10.60
C LYS D 110 -7.69 15.77 12.05
N ILE D 111 -8.94 16.07 12.40
CA ILE D 111 -9.26 16.55 13.73
C ILE D 111 -9.37 15.41 14.75
N THR D 112 -9.87 14.24 14.33
CA THR D 112 -9.93 13.09 15.24
C THR D 112 -8.53 12.53 15.53
N ASN D 113 -7.63 12.65 14.56
CA ASN D 113 -6.27 12.13 14.70
C ASN D 113 -5.50 12.79 15.83
N PHE D 114 -5.83 14.05 16.14
CA PHE D 114 -5.14 14.77 17.21
C PHE D 114 -5.28 14.05 18.54
N PHE D 115 -6.36 13.28 18.71
CA PHE D 115 -6.65 12.64 19.97
C PHE D 115 -6.27 11.16 20.04
N ARG D 116 -5.59 10.67 18.99
CA ARG D 116 -5.16 9.27 18.91
C ARG D 116 -4.12 8.91 19.96
N GLY D 117 -4.44 7.93 20.81
CA GLY D 117 -3.59 7.51 21.92
C GLY D 117 -2.14 8.01 21.96
N ASP D 118 -1.38 7.71 20.92
CA ASP D 118 0.05 8.04 20.82
C ASP D 118 0.35 9.53 20.59
N ARG D 119 -0.70 10.35 20.57
CA ARG D 119 -0.59 11.80 20.36
C ARG D 119 -1.36 12.62 21.41
N CYS D 120 -2.16 11.93 22.23
CA CYS D 120 -2.77 12.52 23.42
C CYS D 120 -2.77 11.50 24.55
N ARG D 121 -1.65 11.44 25.27
CA ARG D 121 -1.44 10.38 26.25
C ARG D 121 -2.37 10.50 27.46
N SER D 122 -2.81 11.72 27.74
CA SER D 122 -3.67 11.95 28.91
C SER D 122 -5.10 11.48 28.68
N LEU D 123 -5.41 11.07 27.45
CA LEU D 123 -6.73 10.51 27.10
C LEU D 123 -6.66 9.04 26.64
N THR D 124 -5.45 8.48 26.61
CA THR D 124 -5.23 7.05 26.39
C THR D 124 -6.03 6.24 27.39
N GLY D 125 -6.81 5.29 26.88
CA GLY D 125 -7.65 4.44 27.71
C GLY D 125 -9.03 5.00 28.02
N LYS D 126 -9.27 6.26 27.62
CA LYS D 126 -10.52 6.98 27.92
C LYS D 126 -11.36 7.23 26.67
N PRO D 127 -12.68 7.14 26.79
CA PRO D 127 -13.58 7.30 25.65
C PRO D 127 -13.60 8.71 25.05
N LYS D 128 -13.11 8.82 23.82
CA LYS D 128 -13.13 10.07 23.05
C LYS D 128 -14.36 10.14 22.12
N LEU D 129 -15.36 10.91 22.54
CA LEU D 129 -16.64 10.94 21.85
C LEU D 129 -16.77 12.08 20.85
N PHE D 130 -17.06 11.74 19.60
CA PHE D 130 -17.29 12.74 18.56
C PHE D 130 -18.72 12.68 18.05
N ILE D 131 -19.43 13.81 18.14
CA ILE D 131 -20.81 13.91 17.66
C ILE D 131 -20.86 14.85 16.47
N ILE D 132 -21.28 14.29 15.34
CA ILE D 132 -21.26 15.02 14.08
C ILE D 132 -22.68 15.28 13.61
N GLN D 133 -22.98 16.56 13.39
CA GLN D 133 -24.24 16.97 12.83
C GLN D 133 -23.84 17.72 11.59
N ALA D 134 -23.74 16.94 10.51
CA ALA D 134 -23.32 17.43 9.20
C ALA D 134 -23.75 16.42 8.16
N ARG D 136 -23.58 13.85 5.12
CA ARG D 136 -22.62 12.80 4.79
C ARG D 136 -22.71 12.52 3.29
N GLY D 137 -23.75 13.04 2.67
CA GLY D 137 -23.96 12.96 1.24
C GLY D 137 -25.24 13.68 0.86
N THR D 138 -25.54 13.68 -0.42
CA THR D 138 -26.74 14.33 -0.93
C THR D 138 -27.89 13.34 -1.13
N GLU D 139 -27.73 12.12 -0.62
CA GLU D 139 -28.75 11.09 -0.78
C GLU D 139 -29.90 11.28 0.20
N LEU D 140 -31.11 10.92 -0.21
CA LEU D 140 -32.28 11.00 0.68
C LEU D 140 -32.97 9.64 0.89
N ASP D 141 -33.23 9.30 2.14
CA ASP D 141 -33.95 8.07 2.48
C ASP D 141 -35.45 8.25 2.21
N CYS D 142 -36.04 7.29 1.51
CA CYS D 142 -37.44 7.38 1.13
C CYS D 142 -38.39 6.78 2.14
N GLY D 143 -37.94 5.75 2.85
CA GLY D 143 -38.77 5.07 3.84
C GLY D 143 -39.67 4.03 3.19
N ILE D 144 -40.49 3.37 4.00
CA ILE D 144 -41.41 2.34 3.49
C ILE D 144 -42.78 2.32 4.22
N HIS D 157 -0.51 -4.98 27.55
CA HIS D 157 0.56 -4.00 27.57
C HIS D 157 0.40 -2.85 26.57
N LYS D 158 -0.27 -3.12 25.44
CA LYS D 158 -0.51 -2.11 24.42
C LYS D 158 -1.97 -2.12 24.00
N ILE D 159 -2.44 -1.00 23.46
CA ILE D 159 -3.80 -0.91 22.89
C ILE D 159 -3.79 -0.25 21.50
N PRO D 160 -4.75 -0.56 20.64
CA PRO D 160 -4.76 0.05 19.31
C PRO D 160 -4.96 1.56 19.44
N VAL D 161 -4.20 2.33 18.69
CA VAL D 161 -4.29 3.78 18.75
C VAL D 161 -5.65 4.32 18.31
N ASP D 162 -6.44 3.50 17.64
CA ASP D 162 -7.75 3.95 17.19
C ASP D 162 -8.85 3.45 18.15
N ALA D 163 -8.46 2.74 19.21
CA ALA D 163 -9.41 2.25 20.22
C ALA D 163 -9.96 3.39 21.09
N ASP D 164 -11.12 3.14 21.68
CA ASP D 164 -11.81 4.06 22.61
C ASP D 164 -12.35 5.32 21.96
N PHE D 165 -12.71 5.22 20.68
CA PHE D 165 -13.31 6.30 19.93
C PHE D 165 -14.74 5.91 19.59
N LEU D 166 -15.68 6.86 19.74
CA LEU D 166 -17.06 6.68 19.28
C LEU D 166 -17.48 7.85 18.38
N TYR D 167 -18.07 7.54 17.24
CA TYR D 167 -18.50 8.57 16.29
C TYR D 167 -20.01 8.44 16.14
N ALA D 168 -20.71 9.40 16.71
CA ALA D 168 -22.17 9.43 16.70
C ALA D 168 -22.61 10.35 15.57
N TYR D 169 -22.67 9.79 14.37
CA TYR D 169 -23.08 10.51 13.17
C TYR D 169 -24.60 10.72 13.18
N SER D 170 -25.04 11.82 12.58
CA SER D 170 -26.47 12.11 12.47
C SER D 170 -27.16 11.27 11.40
N THR D 171 -26.46 10.98 10.31
CA THR D 171 -26.99 10.17 9.21
C THR D 171 -26.10 9.00 8.83
N ALA D 172 -26.70 8.03 8.14
CA ALA D 172 -26.00 6.99 7.40
C ALA D 172 -24.92 7.61 6.49
N PRO D 173 -23.87 6.85 6.17
CA PRO D 173 -22.87 7.31 5.19
C PRO D 173 -23.49 7.57 3.83
N GLY D 174 -23.13 8.69 3.23
CA GLY D 174 -23.65 9.11 1.93
C GLY D 174 -24.99 9.84 1.94
N TYR D 175 -25.59 10.04 3.12
CA TYR D 175 -26.92 10.65 3.21
C TYR D 175 -26.93 12.11 3.70
N TYR D 176 -27.99 12.84 3.34
CA TYR D 176 -28.23 14.21 3.82
C TYR D 176 -28.63 14.20 5.28
N SER D 177 -28.36 15.31 5.96
CA SER D 177 -28.78 15.47 7.34
C SER D 177 -29.86 16.55 7.45
N TRP D 178 -31.02 16.17 7.99
CA TRP D 178 -32.18 17.05 8.07
C TRP D 178 -32.18 17.99 9.26
N ARG D 179 -32.14 19.29 8.97
CA ARG D 179 -32.03 20.32 9.99
C ARG D 179 -33.17 21.34 9.86
N ASN D 180 -34.03 21.38 10.87
CA ASN D 180 -35.10 22.39 10.96
C ASN D 180 -34.58 23.74 11.50
N SER D 181 -35.09 24.83 10.92
CA SER D 181 -34.74 26.20 11.33
C SER D 181 -35.16 26.57 12.77
N LYS D 182 -35.94 25.71 13.42
CA LYS D 182 -36.45 25.98 14.78
C LYS D 182 -36.18 24.82 15.73
N SER D 185 -31.99 20.67 14.46
CA SER D 185 -31.67 19.44 13.72
C SER D 185 -32.19 18.21 14.45
N TRP D 186 -32.74 17.27 13.68
CA TRP D 186 -33.42 16.09 14.25
C TRP D 186 -32.53 15.29 15.21
N PHE D 187 -31.26 15.13 14.83
CA PHE D 187 -30.32 14.31 15.57
C PHE D 187 -29.99 14.92 16.94
N ILE D 188 -29.57 16.19 16.94
CA ILE D 188 -29.17 16.87 18.17
C ILE D 188 -30.37 17.02 19.12
N GLN D 189 -31.55 17.26 18.54
CA GLN D 189 -32.79 17.31 19.32
C GLN D 189 -32.98 15.99 20.08
N SER D 190 -33.01 14.89 19.33
CA SER D 190 -33.28 13.57 19.88
C SER D 190 -32.15 13.11 20.79
N LEU D 191 -30.94 13.55 20.48
CA LEU D 191 -29.79 13.20 21.29
C LEU D 191 -29.96 13.77 22.70
N CYS D 192 -30.36 15.03 22.77
CA CYS D 192 -30.51 15.72 24.05
C CYS D 192 -31.72 15.24 24.82
N ALA D 193 -32.80 14.95 24.10
CA ALA D 193 -33.98 14.36 24.72
C ALA D 193 -33.64 13.02 25.37
N MET D 194 -32.93 12.17 24.65
CA MET D 194 -32.61 10.84 25.15
C MET D 194 -31.52 10.87 26.22
N LEU D 195 -30.60 11.83 26.08
CA LEU D 195 -29.53 12.00 27.05
C LEU D 195 -30.10 12.33 28.42
N LYS D 196 -30.87 13.41 28.51
CA LYS D 196 -31.50 13.78 29.78
C LYS D 196 -32.39 12.66 30.33
N GLN D 197 -33.26 12.12 29.47
CA GLN D 197 -34.21 11.07 29.88
C GLN D 197 -33.55 9.77 30.34
N TYR D 198 -32.36 9.46 29.85
CA TYR D 198 -31.79 8.13 30.10
C TYR D 198 -30.37 8.07 30.65
N ALA D 199 -29.63 9.18 30.61
CA ALA D 199 -28.24 9.21 31.06
C ALA D 199 -28.00 8.51 32.41
N ASP D 200 -28.88 8.75 33.38
CA ASP D 200 -28.76 8.18 34.71
C ASP D 200 -29.37 6.77 34.82
N LYS D 201 -29.71 6.18 33.68
CA LYS D 201 -30.33 4.85 33.65
C LYS D 201 -29.75 3.88 32.61
N LEU D 202 -29.41 4.37 31.42
CA LEU D 202 -28.97 3.50 30.32
C LEU D 202 -27.49 3.66 29.89
N GLU D 203 -26.90 2.55 29.46
CA GLU D 203 -25.56 2.57 28.88
C GLU D 203 -25.55 3.38 27.59
N PHE D 204 -24.52 4.20 27.41
CA PHE D 204 -24.44 5.15 26.29
C PHE D 204 -24.80 4.57 24.92
N MET D 205 -24.52 3.29 24.70
CA MET D 205 -24.90 2.65 23.43
C MET D 205 -26.41 2.57 23.29
N HIS D 206 -27.07 2.05 24.34
CA HIS D 206 -28.51 1.86 24.36
C HIS D 206 -29.27 3.19 24.23
N ILE D 207 -28.68 4.24 24.77
CA ILE D 207 -29.20 5.58 24.60
C ILE D 207 -29.18 5.95 23.13
N LEU D 208 -28.02 5.78 22.49
CA LEU D 208 -27.86 6.16 21.08
C LEU D 208 -28.76 5.32 20.21
N THR D 209 -29.00 4.09 20.64
CA THR D 209 -29.95 3.20 19.98
C THR D 209 -31.35 3.83 20.02
N ARG D 210 -31.76 4.27 21.21
CA ARG D 210 -33.01 5.01 21.38
C ARG D 210 -33.01 6.33 20.62
N VAL D 211 -31.85 7.01 20.59
CA VAL D 211 -31.67 8.19 19.75
C VAL D 211 -31.92 7.83 18.28
N ASN D 212 -31.53 6.62 17.87
CA ASN D 212 -31.73 6.22 16.48
C ASN D 212 -33.18 5.91 16.18
N ARG D 213 -33.89 5.31 17.16
CA ARG D 213 -35.31 5.02 17.02
C ARG D 213 -36.13 6.31 16.93
N LYS D 214 -35.87 7.23 17.86
CA LYS D 214 -36.56 8.51 17.90
C LYS D 214 -36.35 9.31 16.62
N VAL D 215 -35.11 9.33 16.12
CA VAL D 215 -34.84 10.08 14.89
C VAL D 215 -35.46 9.38 13.67
N ALA D 216 -35.91 8.13 13.86
CA ALA D 216 -36.44 7.34 12.75
C ALA D 216 -37.96 7.14 12.75
N THR D 217 -38.58 7.21 13.93
CA THR D 217 -40.02 6.97 14.04
C THR D 217 -40.83 8.18 14.57
N GLU D 218 -40.21 9.35 14.58
CA GLU D 218 -40.86 10.55 15.13
C GLU D 218 -40.67 11.74 14.20
N PHE D 219 -39.81 11.59 13.21
CA PHE D 219 -39.50 12.68 12.29
C PHE D 219 -39.83 12.31 10.86
N GLU D 220 -40.02 13.32 10.02
CA GLU D 220 -40.31 13.16 8.59
C GLU D 220 -40.42 14.54 7.95
N SER D 221 -39.59 14.80 6.95
CA SER D 221 -39.56 16.10 6.30
C SER D 221 -40.92 16.51 5.70
N PHE D 222 -41.08 17.83 5.48
CA PHE D 222 -42.27 18.41 4.85
C PHE D 222 -41.82 19.47 3.84
N SER D 223 -42.30 19.34 2.60
CA SER D 223 -42.01 20.33 1.56
C SER D 223 -43.10 20.43 0.49
N PHE D 224 -43.13 21.57 -0.20
CA PHE D 224 -43.98 21.76 -1.38
C PHE D 224 -43.14 21.49 -2.65
N ASP D 225 -42.26 20.51 -2.52
CA ASP D 225 -41.43 19.99 -3.60
C ASP D 225 -41.26 18.50 -3.35
N ALA D 226 -41.82 17.68 -4.22
CA ALA D 226 -41.83 16.22 -4.08
C ALA D 226 -40.43 15.65 -3.86
N THR D 227 -39.46 16.24 -4.53
CA THR D 227 -38.04 15.88 -4.38
C THR D 227 -37.57 15.97 -2.93
N PHE D 228 -38.30 16.69 -2.08
CA PHE D 228 -37.88 16.88 -0.69
C PHE D 228 -38.94 16.56 0.38
N HIS D 229 -40.10 16.04 -0.01
CA HIS D 229 -41.17 15.82 0.95
C HIS D 229 -41.19 14.39 1.48
N ALA D 230 -41.48 14.23 2.78
CA ALA D 230 -41.64 12.91 3.38
C ALA D 230 -40.33 12.10 3.49
N LYS D 231 -39.21 12.80 3.55
CA LYS D 231 -37.91 12.15 3.68
C LYS D 231 -37.64 11.67 5.10
N LYS D 232 -36.84 10.60 5.20
CA LYS D 232 -36.43 10.02 6.48
C LYS D 232 -34.92 10.15 6.70
N GLN D 233 -34.50 9.86 7.93
CA GLN D 233 -33.10 9.89 8.33
C GLN D 233 -32.89 8.85 9.42
N ILE D 234 -31.71 8.23 9.40
CA ILE D 234 -31.28 7.34 10.47
C ILE D 234 -29.87 7.70 10.91
N PRO D 235 -29.64 7.82 12.22
CA PRO D 235 -28.28 8.07 12.72
C PRO D 235 -27.37 6.84 12.52
N CYS D 236 -26.08 7.10 12.64
CA CYS D 236 -25.07 6.07 12.43
C CYS D 236 -24.10 6.07 13.60
N ILE D 237 -24.26 5.12 14.51
CA ILE D 237 -23.32 4.92 15.62
C ILE D 237 -22.10 4.15 15.14
N VAL D 238 -20.92 4.76 15.26
CA VAL D 238 -19.66 4.07 14.96
C VAL D 238 -18.82 3.96 16.23
N SER D 239 -18.79 2.78 16.83
CA SER D 239 -18.07 2.62 18.08
C SER D 239 -16.87 1.72 17.95
N MET D 240 -15.76 2.23 18.44
CA MET D 240 -14.55 1.48 18.53
C MET D 240 -14.19 1.51 20.00
N LEU D 241 -15.25 1.51 20.84
CA LEU D 241 -15.11 1.50 22.29
C LEU D 241 -14.82 0.09 22.76
N THR D 242 -14.10 0.00 23.88
CA THR D 242 -13.72 -1.29 24.46
C THR D 242 -14.51 -1.61 25.73
N LYS D 243 -15.23 -0.62 26.26
CA LYS D 243 -15.97 -0.78 27.52
C LYS D 243 -17.35 -0.12 27.47
N GLU D 244 -18.22 -0.57 28.36
CA GLU D 244 -19.50 0.09 28.56
C GLU D 244 -19.30 1.50 29.10
N LEU D 245 -20.12 2.44 28.63
CA LEU D 245 -20.08 3.81 29.15
C LEU D 245 -21.34 4.12 29.96
N TYR D 246 -21.14 4.57 31.20
CA TYR D 246 -22.22 5.06 32.07
C TYR D 246 -21.85 6.43 32.61
N PHE D 247 -22.71 7.42 32.34
CA PHE D 247 -22.51 8.80 32.82
C PHE D 247 -22.65 8.94 34.35
N TYR D 248 -23.20 7.91 34.99
CA TYR D 248 -23.10 7.76 36.43
C TYR D 248 -22.04 6.68 36.75
#